data_6UPH
#
_entry.id   6UPH
#
_cell.length_a   1.00
_cell.length_b   1.00
_cell.length_c   1.00
_cell.angle_alpha   90.00
_cell.angle_beta   90.00
_cell.angle_gamma   90.00
#
_symmetry.space_group_name_H-M   'P 1'
#
loop_
_entity.id
_entity.type
_entity.pdbx_description
1 polymer 'Histone H3-like centromeric protein CSE4'
2 polymer 'Histone H4'
3 polymer 'Histone H2A'
4 polymer 'Histone H2B.1'
5 polymer 'DNA (119-MER)'
6 polymer 'DNA (119-MER)'
#
loop_
_entity_poly.entity_id
_entity_poly.type
_entity_poly.pdbx_seq_one_letter_code
_entity_poly.pdbx_strand_id
1 'polypeptide(L)'
;MSSKQQWVSSAIQSDSSGRSLSNVNRLAGDQQSINDRALSLLQRTRATKNLFPRREERRRYESSKSDLDIETDYEDQAGN
LEIETENEEEAEMETEVPAPVRTHSYALDRYVRQKRREKQRKQSLKRVEKKYTPSELALYEIRKYQRSTDLLISKIPFAR
LVKEVTDEFTTKDQDLRWQSMAIMALQEASEAYLVGLLEHTNLLALHAKRITIMKKDMQLARRIRGQFI
;
A,E
2 'polypeptide(L)'
;HHHHHHENLYFQSNAMSGRGKGGKGLGKGGAKRHRKILRDNIQGITKPAIRRLARRGGVKRISGLIYEEVRNVLKTFLES
VIRDAVTYTEHAKRKTVTSLDVVYALKRQGRTLYGFGG
;
B,F
3 'polypeptide(L)'
;HHHHHHENLYFQSNAMSGKGGKAGSAAKASQSRSAKAGLTFPVGRVHRLLRKGNYAQRIGSGAPVYLTAVLEYLAAEILE
LAGNAARDNKKTRIIPRHLQLAIRNDDELNKLLGNVTIAQGGVLPNIHQNLLPKKSSKAKASQEL
;
C,G
4 'polypeptide(L)'
;HHHHHHENLYFQSNAMSAKASKAPASKAPAEKKPAAKKTSSSTDPSKKRTKARKETYSSYIYKVLKQTHPDTGISQKSMS
ILNSFVNDIFERIATESSKLAAYNKKSTISAREIQTAVRLILPGELAKHAVSEGTRAVTKYSSSTQA
;
D,H
5 'polydeoxyribonucleotide'
;(DA)(DT)(DC)(DG)(DA)(DG)(DA)(DA)(DT)(DC)(DC)(DC)(DG)(DG)(DT)(DG)(DC)(DC)(DG)(DA)
(DG)(DG)(DC)(DC)(DG)(DC)(DT)(DC)(DA)(DA)(DT)(DT)(DG)(DG)(DT)(DC)(DG)(DT)(DA)(DG)
(DA)(DC)(DA)(DG)(DC)(DT)(DC)(DT)(DA)(DG)(DC)(DA)(DC)(DC)(DG)(DC)(DT)(DT)(DA)(DA)
(DA)(DC)(DG)(DC)(DA)(DC)(DG)(DT)(DA)(DC)(DG)(DC)(DG)(DC)(DT)(DG)(DT)(DC)(DC)(DC)
(DC)(DC)(DG)(DC)(DG)(DT)(DT)(DT)(DT)(DA)(DA)(DC)(DC)(DG)(DC)(DC)(DA)(DA)(DG)(DG)
(DG)(DG)(DA)(DT)(DT)(DA)(DC)(DT)(DC)(DC)(DC)(DT)(DA)(DG)(DT)(DC)(DT)(DC)(DC)(DA)
(DG)(DG)(DC)(DA)(DC)(DG)(DT)(DG)(DT)(DC)(DA)(DG)(DA)(DT)(DA)(DT)(DA)(DT)(DA)(DC)
(DA)(DT)(DC)(DC)(DG)(DA)(DT)
;
I
6 'polydeoxyribonucleotide'
;(DA)(DT)(DC)(DG)(DG)(DA)(DT)(DG)(DT)(DA)(DT)(DA)(DT)(DA)(DT)(DC)(DT)(DG)(DA)(DC)
(DA)(DC)(DG)(DT)(DG)(DC)(DC)(DT)(DG)(DG)(DA)(DG)(DA)(DC)(DT)(DA)(DG)(DG)(DG)(DA)
(DG)(DT)(DA)(DA)(DT)(DC)(DC)(DC)(DC)(DT)(DT)(DG)(DG)(DC)(DG)(DG)(DT)(DT)(DA)(DA)
(DA)(DA)(DC)(DG)(DC)(DG)(DG)(DG)(DG)(DG)(DA)(DC)(DA)(DG)(DC)(DG)(DC)(DG)(DT)(DA)
(DC)(DG)(DT)(DG)(DC)(DG)(DT)(DT)(DT)(DA)(DA)(DG)(DC)(DG)(DG)(DT)(DG)(DC)(DT)(DA)
(DG)(DA)(DG)(DC)(DT)(DG)(DT)(DC)(DT)(DA)(DC)(DG)(DA)(DC)(DC)(DA)(DA)(DT)(DT)(DG)
(DA)(DG)(DC)(DG)(DG)(DC)(DC)(DT)(DC)(DG)(DG)(DC)(DA)(DC)(DC)(DG)(DG)(DG)(DA)(DT)
(DT)(DC)(DT)(DC)(DG)(DA)(DT)
;
J
#
# COMPACT_ATOMS: atom_id res chain seq x y z
N GLU A 136 23.39 -34.82 -9.16
CA GLU A 136 23.57 -33.38 -9.27
C GLU A 136 23.69 -32.74 -7.89
N LEU A 137 24.87 -32.23 -7.58
CA LEU A 137 25.04 -31.48 -6.34
C LEU A 137 24.48 -30.07 -6.42
N ALA A 138 23.96 -29.66 -7.58
CA ALA A 138 23.20 -28.42 -7.67
C ALA A 138 21.84 -28.56 -7.01
N LEU A 139 21.30 -29.77 -6.97
CA LEU A 139 20.05 -30.04 -6.26
C LEU A 139 20.28 -30.35 -4.79
N TYR A 140 21.46 -30.87 -4.45
CA TYR A 140 21.81 -31.11 -3.06
C TYR A 140 21.92 -29.79 -2.28
N GLU A 141 22.32 -28.71 -2.95
CA GLU A 141 22.51 -27.44 -2.29
C GLU A 141 21.27 -26.57 -2.30
N ILE A 142 20.35 -26.78 -3.23
CA ILE A 142 19.05 -26.13 -3.11
C ILE A 142 18.30 -26.69 -1.91
N ARG A 143 18.42 -27.99 -1.68
CA ARG A 143 17.78 -28.59 -0.52
C ARG A 143 18.45 -28.14 0.77
N LYS A 144 19.79 -27.99 0.74
CA LYS A 144 20.50 -27.55 1.93
C LYS A 144 20.10 -26.13 2.33
N TYR A 145 20.23 -25.19 1.42
CA TYR A 145 20.05 -23.78 1.78
C TYR A 145 18.58 -23.36 1.85
N GLN A 146 17.65 -24.24 1.51
CA GLN A 146 16.23 -23.99 1.75
C GLN A 146 15.76 -24.57 3.08
N ARG A 147 16.65 -25.20 3.83
CA ARG A 147 16.32 -25.79 5.12
C ARG A 147 16.86 -24.99 6.29
N SER A 148 17.89 -24.18 6.09
CA SER A 148 18.52 -23.39 7.12
C SER A 148 17.96 -21.97 7.13
N THR A 149 18.20 -21.27 8.23
CA THR A 149 17.60 -19.96 8.44
C THR A 149 18.61 -18.85 8.72
N ASP A 150 19.89 -19.12 8.70
CA ASP A 150 20.88 -18.14 9.10
C ASP A 150 21.27 -17.23 7.94
N LEU A 151 21.88 -16.09 8.28
CA LEU A 151 22.30 -15.11 7.29
C LEU A 151 23.46 -15.64 6.46
N LEU A 152 23.54 -15.16 5.22
CA LEU A 152 24.46 -15.72 4.24
C LEU A 152 25.56 -14.77 3.77
N ILE A 153 25.41 -13.47 3.99
CA ILE A 153 26.49 -12.51 3.78
C ILE A 153 27.29 -12.40 5.06
N SER A 154 28.59 -12.18 4.95
CA SER A 154 29.40 -12.05 6.15
C SER A 154 29.15 -10.69 6.82
N LYS A 155 29.30 -10.66 8.14
CA LYS A 155 28.74 -9.58 8.94
C LYS A 155 29.62 -8.35 9.02
N ILE A 156 30.94 -8.50 9.00
CA ILE A 156 31.83 -7.35 9.13
C ILE A 156 31.87 -6.57 7.82
N PRO A 157 32.00 -7.20 6.65
CA PRO A 157 31.91 -6.43 5.41
C PRO A 157 30.57 -5.74 5.19
N PHE A 158 29.47 -6.32 5.67
CA PHE A 158 28.18 -5.69 5.43
C PHE A 158 28.04 -4.39 6.22
N ALA A 159 28.59 -4.34 7.43
CA ALA A 159 28.48 -3.14 8.24
C ALA A 159 29.39 -2.02 7.76
N ARG A 160 30.47 -2.36 7.02
CA ARG A 160 31.31 -1.32 6.44
C ARG A 160 30.63 -0.64 5.27
N LEU A 161 29.70 -1.32 4.62
CA LEU A 161 29.00 -0.74 3.49
C LEU A 161 27.81 0.10 3.93
N VAL A 162 27.23 -0.23 5.07
CA VAL A 162 26.12 0.55 5.60
C VAL A 162 26.62 1.86 6.18
N LYS A 163 27.83 1.87 6.72
CA LYS A 163 28.42 3.10 7.23
C LYS A 163 28.98 3.98 6.13
N GLU A 164 29.27 3.41 4.96
CA GLU A 164 29.69 4.19 3.81
C GLU A 164 28.51 4.87 3.13
N VAL A 165 27.38 4.18 2.99
CA VAL A 165 26.22 4.77 2.36
C VAL A 165 25.67 5.90 3.20
N THR A 166 25.82 5.82 4.53
CA THR A 166 25.35 6.88 5.40
C THR A 166 26.13 8.17 5.21
N ASP A 167 27.40 8.10 4.81
CA ASP A 167 28.20 9.30 4.69
C ASP A 167 27.81 10.21 3.54
N GLU A 168 26.91 9.79 2.66
CA GLU A 168 26.46 10.66 1.57
C GLU A 168 25.06 11.21 1.81
N PHE A 169 24.56 11.12 3.03
CA PHE A 169 23.32 11.79 3.41
C PHE A 169 23.52 12.74 4.57
N THR A 170 24.75 12.91 5.04
CA THR A 170 25.06 13.79 6.15
C THR A 170 26.17 14.74 5.74
N THR A 171 26.30 15.84 6.49
CA THR A 171 27.40 16.76 6.31
C THR A 171 28.67 16.22 6.97
N LYS A 172 29.80 16.82 6.62
CA LYS A 172 31.07 16.43 7.25
C LYS A 172 31.03 16.60 8.75
N ASP A 173 30.32 17.61 9.24
CA ASP A 173 30.50 18.06 10.62
C ASP A 173 29.92 17.07 11.60
N GLN A 174 28.67 16.66 11.39
CA GLN A 174 27.95 15.84 12.37
C GLN A 174 27.71 14.46 11.76
N ASP A 175 28.62 13.54 12.04
CA ASP A 175 28.52 12.14 11.60
C ASP A 175 27.71 11.33 12.61
N LEU A 176 27.22 10.18 12.16
CA LEU A 176 26.29 9.37 12.94
C LEU A 176 26.90 8.04 13.35
N ARG A 177 26.29 7.42 14.35
CA ARG A 177 26.63 6.10 14.83
C ARG A 177 25.44 5.17 14.66
N TRP A 178 25.70 3.87 14.78
CA TRP A 178 24.71 2.84 14.56
C TRP A 178 24.64 1.92 15.75
N GLN A 179 23.43 1.66 16.25
CA GLN A 179 23.26 0.63 17.25
C GLN A 179 23.54 -0.75 16.66
N SER A 180 23.91 -1.68 17.53
CA SER A 180 24.34 -2.99 17.06
C SER A 180 23.18 -3.85 16.58
N MET A 181 21.99 -3.67 17.14
CA MET A 181 20.81 -4.38 16.70
C MET A 181 20.10 -3.69 15.55
N ALA A 182 20.50 -2.48 15.19
CA ALA A 182 19.93 -1.83 14.01
C ALA A 182 20.61 -2.27 12.72
N ILE A 183 21.83 -2.77 12.81
CA ILE A 183 22.48 -3.33 11.63
C ILE A 183 21.99 -4.76 11.40
N MET A 184 21.69 -5.49 12.47
CA MET A 184 21.10 -6.81 12.33
C MET A 184 19.71 -6.73 11.71
N ALA A 185 18.95 -5.71 12.07
CA ALA A 185 17.61 -5.56 11.54
C ALA A 185 17.62 -5.17 10.07
N LEU A 186 18.63 -4.43 9.64
CA LEU A 186 18.72 -4.01 8.25
C LEU A 186 19.25 -5.12 7.34
N GLN A 187 20.02 -6.06 7.89
CA GLN A 187 20.55 -7.14 7.09
C GLN A 187 19.54 -8.25 6.88
N GLU A 188 18.62 -8.45 7.83
CA GLU A 188 17.58 -9.44 7.65
C GLU A 188 16.62 -9.04 6.53
N ALA A 189 16.26 -7.76 6.47
CA ALA A 189 15.36 -7.28 5.44
C ALA A 189 16.03 -7.19 4.08
N SER A 190 17.36 -7.06 4.04
CA SER A 190 18.05 -6.97 2.76
C SER A 190 18.08 -8.32 2.06
N GLU A 191 18.29 -9.40 2.80
CA GLU A 191 18.38 -10.71 2.20
C GLU A 191 17.02 -11.34 1.93
N ALA A 192 15.99 -10.94 2.67
CA ALA A 192 14.65 -11.37 2.33
C ALA A 192 14.15 -10.71 1.07
N TYR A 193 14.73 -9.56 0.70
CA TYR A 193 14.37 -8.86 -0.52
C TYR A 193 15.10 -9.43 -1.72
N LEU A 194 16.37 -9.82 -1.54
CA LEU A 194 17.14 -10.35 -2.65
C LEU A 194 16.74 -11.78 -2.98
N VAL A 195 16.42 -12.58 -1.97
CA VAL A 195 15.96 -13.95 -2.21
C VAL A 195 14.63 -13.94 -2.93
N GLY A 196 13.74 -13.00 -2.58
CA GLY A 196 12.46 -12.93 -3.24
C GLY A 196 12.57 -12.47 -4.69
N LEU A 197 13.51 -11.58 -4.98
CA LEU A 197 13.69 -11.10 -6.35
C LEU A 197 14.38 -12.12 -7.22
N LEU A 198 15.21 -12.97 -6.63
CA LEU A 198 15.84 -14.02 -7.42
C LEU A 198 14.89 -15.17 -7.70
N GLU A 199 13.81 -15.30 -6.95
CA GLU A 199 12.80 -16.30 -7.27
C GLU A 199 12.00 -15.90 -8.50
N HIS A 200 11.65 -14.62 -8.61
CA HIS A 200 10.94 -14.14 -9.78
C HIS A 200 11.81 -14.17 -11.03
N THR A 201 13.11 -13.93 -10.86
CA THR A 201 14.03 -14.01 -11.99
C THR A 201 14.15 -15.42 -12.52
N ASN A 202 14.01 -16.43 -11.66
CA ASN A 202 14.10 -17.81 -12.09
C ASN A 202 12.85 -18.24 -12.83
N LEU A 203 11.70 -17.69 -12.47
CA LEU A 203 10.47 -17.99 -13.18
C LEU A 203 10.49 -17.45 -14.61
N LEU A 204 11.22 -16.37 -14.84
CA LEU A 204 11.32 -15.76 -16.17
C LEU A 204 12.35 -16.44 -17.06
N ALA A 205 13.21 -17.27 -16.50
CA ALA A 205 14.15 -18.05 -17.31
C ALA A 205 13.52 -19.35 -17.81
N LEU A 206 12.55 -19.89 -17.10
CA LEU A 206 11.87 -21.10 -17.52
C LEU A 206 10.74 -20.82 -18.50
N HIS A 207 10.23 -19.58 -18.51
CA HIS A 207 9.27 -19.16 -19.52
C HIS A 207 9.94 -19.10 -20.89
N ALA A 208 11.25 -18.90 -20.93
CA ALA A 208 12.01 -18.83 -22.17
C ALA A 208 12.81 -20.09 -22.43
N LYS A 209 12.48 -21.19 -21.77
CA LYS A 209 13.04 -22.51 -22.04
C LYS A 209 14.55 -22.54 -21.78
N ARG A 210 14.95 -22.02 -20.63
CA ARG A 210 16.34 -22.02 -20.19
C ARG A 210 16.37 -22.41 -18.72
N ILE A 211 17.55 -22.79 -18.25
CA ILE A 211 17.76 -23.01 -16.82
C ILE A 211 18.82 -22.09 -16.24
N THR A 212 19.49 -21.29 -17.06
CA THR A 212 20.48 -20.32 -16.62
C THR A 212 19.83 -18.94 -16.55
N ILE A 213 19.93 -18.28 -15.40
CA ILE A 213 19.41 -16.93 -15.27
C ILE A 213 20.40 -15.95 -15.89
N MET A 214 19.88 -14.86 -16.44
CA MET A 214 20.69 -13.92 -17.18
C MET A 214 20.28 -12.50 -16.82
N LYS A 215 21.02 -11.53 -17.34
CA LYS A 215 20.81 -10.15 -16.93
C LYS A 215 19.49 -9.59 -17.42
N LYS A 216 19.02 -10.03 -18.59
CA LYS A 216 17.74 -9.57 -19.08
C LYS A 216 16.57 -10.15 -18.30
N ASP A 217 16.78 -11.24 -17.56
CA ASP A 217 15.72 -11.81 -16.73
C ASP A 217 15.49 -10.97 -15.48
N MET A 218 16.55 -10.43 -14.90
CA MET A 218 16.41 -9.62 -13.70
C MET A 218 15.87 -8.24 -14.00
N GLN A 219 16.14 -7.72 -15.21
CA GLN A 219 15.63 -6.41 -15.57
C GLN A 219 14.13 -6.44 -15.81
N LEU A 220 13.63 -7.50 -16.45
CA LEU A 220 12.20 -7.57 -16.72
C LEU A 220 11.41 -7.82 -15.44
N ALA A 221 11.99 -8.48 -14.46
CA ALA A 221 11.28 -8.77 -13.22
C ALA A 221 11.03 -7.50 -12.41
N ARG A 222 11.82 -6.45 -12.61
CA ARG A 222 11.63 -5.21 -11.88
C ARG A 222 10.63 -4.27 -12.55
N ARG A 223 10.37 -4.44 -13.85
CA ARG A 223 9.31 -3.67 -14.49
C ARG A 223 7.94 -4.15 -14.05
N ILE A 224 7.74 -5.47 -14.03
CA ILE A 224 6.44 -6.00 -13.63
C ILE A 224 6.18 -5.75 -12.15
N ARG A 225 7.21 -5.48 -11.36
CA ARG A 225 7.04 -5.16 -9.95
C ARG A 225 6.81 -3.67 -9.71
N GLY A 226 7.53 -2.81 -10.42
CA GLY A 226 7.30 -1.39 -10.34
C GLY A 226 7.72 -0.73 -9.04
N GLN A 227 8.71 -1.29 -8.36
CA GLN A 227 9.16 -0.79 -7.07
C GLN A 227 10.68 -0.78 -7.05
N PHE A 228 11.26 0.18 -6.33
CA PHE A 228 12.71 0.34 -6.23
C PHE A 228 13.40 0.37 -7.59
N ASP B 40 36.66 -1.33 -3.12
CA ASP B 40 35.37 -0.76 -2.75
C ASP B 40 34.75 -1.57 -1.63
N ASN B 41 33.77 -0.99 -0.93
CA ASN B 41 33.07 -1.77 0.08
C ASN B 41 31.96 -2.61 -0.53
N ILE B 42 31.43 -2.21 -1.69
CA ILE B 42 30.46 -3.04 -2.40
C ILE B 42 31.10 -4.31 -2.93
N GLN B 43 32.42 -4.37 -2.99
CA GLN B 43 33.10 -5.55 -3.47
C GLN B 43 33.24 -6.62 -2.41
N GLY B 44 32.97 -6.30 -1.14
CA GLY B 44 32.97 -7.29 -0.08
C GLY B 44 31.78 -8.21 -0.08
N ILE B 45 30.77 -7.91 -0.89
CA ILE B 45 29.68 -8.85 -1.15
C ILE B 45 30.18 -9.82 -2.21
N THR B 46 30.74 -10.94 -1.77
CA THR B 46 31.52 -11.77 -2.66
C THR B 46 30.62 -12.65 -3.51
N LYS B 47 31.20 -13.18 -4.57
CA LYS B 47 30.52 -14.01 -5.54
C LYS B 47 30.07 -15.34 -4.92
N PRO B 48 30.89 -16.01 -4.08
CA PRO B 48 30.36 -17.18 -3.36
C PRO B 48 29.14 -16.89 -2.49
N ALA B 49 29.02 -15.69 -1.93
CA ALA B 49 27.87 -15.38 -1.10
C ALA B 49 26.62 -15.11 -1.92
N ILE B 50 26.75 -14.39 -3.03
CA ILE B 50 25.63 -14.18 -3.94
C ILE B 50 25.09 -15.51 -4.42
N ARG B 51 25.98 -16.49 -4.60
CA ARG B 51 25.61 -17.77 -5.17
C ARG B 51 24.83 -18.62 -4.16
N ARG B 52 25.05 -18.40 -2.87
CA ARG B 52 24.24 -19.08 -1.86
C ARG B 52 22.86 -18.48 -1.74
N LEU B 53 22.71 -17.17 -1.92
CA LEU B 53 21.40 -16.55 -1.90
C LEU B 53 20.55 -17.00 -3.07
N ALA B 54 21.16 -17.37 -4.18
CA ALA B 54 20.41 -17.89 -5.32
C ALA B 54 20.04 -19.35 -5.15
N ARG B 55 20.83 -20.10 -4.38
CA ARG B 55 20.44 -21.46 -4.04
C ARG B 55 19.22 -21.48 -3.13
N ARG B 56 19.08 -20.49 -2.26
CA ARG B 56 17.89 -20.40 -1.43
C ARG B 56 16.66 -20.03 -2.25
N GLY B 57 16.85 -19.36 -3.37
CA GLY B 57 15.75 -19.01 -4.25
C GLY B 57 15.37 -20.06 -5.26
N GLY B 58 16.19 -21.09 -5.45
CA GLY B 58 15.88 -22.18 -6.35
C GLY B 58 16.58 -22.17 -7.69
N VAL B 59 17.65 -21.41 -7.84
CA VAL B 59 18.36 -21.30 -9.11
C VAL B 59 19.39 -22.41 -9.24
N LYS B 60 19.54 -22.94 -10.46
CA LYS B 60 20.51 -23.99 -10.75
C LYS B 60 21.78 -23.50 -11.42
N ARG B 61 21.69 -22.54 -12.35
CA ARG B 61 22.83 -22.09 -13.12
C ARG B 61 22.80 -20.57 -13.25
N ILE B 62 23.97 -19.93 -13.24
CA ILE B 62 24.07 -18.48 -13.15
C ILE B 62 25.05 -17.96 -14.19
N SER B 63 24.61 -16.96 -14.96
CA SER B 63 25.47 -16.29 -15.93
C SER B 63 26.47 -15.39 -15.22
N GLY B 64 27.61 -15.16 -15.88
CA GLY B 64 28.69 -14.42 -15.26
C GLY B 64 28.42 -12.95 -15.03
N LEU B 65 27.41 -12.40 -15.69
CA LEU B 65 27.10 -10.98 -15.58
C LEU B 65 26.08 -10.69 -14.48
N ILE B 66 25.61 -11.71 -13.77
CA ILE B 66 24.63 -11.52 -12.72
C ILE B 66 25.27 -10.96 -11.46
N TYR B 67 26.54 -11.26 -11.22
CA TYR B 67 27.16 -10.88 -9.95
C TYR B 67 27.25 -9.36 -9.81
N GLU B 68 27.51 -8.65 -10.89
CA GLU B 68 27.59 -7.20 -10.81
C GLU B 68 26.21 -6.54 -10.80
N GLU B 69 25.22 -7.18 -11.40
CA GLU B 69 23.87 -6.62 -11.42
C GLU B 69 23.18 -6.76 -10.06
N VAL B 70 23.55 -7.78 -9.28
CA VAL B 70 22.98 -7.94 -7.95
C VAL B 70 23.58 -6.94 -6.97
N ARG B 71 24.83 -6.54 -7.18
CA ARG B 71 25.44 -5.54 -6.32
C ARG B 71 24.81 -4.17 -6.50
N ASN B 72 24.29 -3.87 -7.69
CA ASN B 72 23.64 -2.59 -7.91
C ASN B 72 22.22 -2.57 -7.36
N VAL B 73 21.57 -3.72 -7.28
CA VAL B 73 20.22 -3.78 -6.72
C VAL B 73 20.27 -3.60 -5.21
N LEU B 74 21.30 -4.15 -4.56
CA LEU B 74 21.43 -4.00 -3.12
C LEU B 74 21.76 -2.56 -2.74
N LYS B 75 22.59 -1.88 -3.52
CA LYS B 75 22.97 -0.51 -3.18
C LYS B 75 21.83 0.46 -3.38
N THR B 76 20.96 0.22 -4.35
CA THR B 76 19.79 1.08 -4.54
C THR B 76 18.75 0.84 -3.45
N PHE B 77 18.65 -0.39 -2.96
CA PHE B 77 17.72 -0.70 -1.87
C PHE B 77 18.21 -0.10 -0.56
N LEU B 78 19.51 -0.15 -0.31
CA LEU B 78 20.05 0.42 0.93
C LEU B 78 19.94 1.94 0.96
N GLU B 79 20.04 2.60 -0.19
CA GLU B 79 19.93 4.05 -0.21
C GLU B 79 18.49 4.52 -0.07
N SER B 80 17.53 3.69 -0.44
CA SER B 80 16.12 4.05 -0.28
C SER B 80 15.71 4.00 1.18
N VAL B 81 16.23 3.03 1.94
CA VAL B 81 15.85 2.87 3.33
C VAL B 81 16.67 3.77 4.25
N ILE B 82 17.99 3.86 4.02
CA ILE B 82 18.82 4.66 4.92
C ILE B 82 18.48 6.13 4.81
N ARG B 83 18.04 6.59 3.63
CA ARG B 83 17.63 7.97 3.48
C ARG B 83 16.48 8.32 4.43
N ASP B 84 15.50 7.43 4.54
CA ASP B 84 14.35 7.65 5.41
C ASP B 84 14.67 7.42 6.88
N ALA B 85 15.67 6.60 7.19
CA ALA B 85 16.01 6.33 8.59
C ALA B 85 16.89 7.40 9.19
N VAL B 86 17.62 8.16 8.37
CA VAL B 86 18.38 9.28 8.87
C VAL B 86 17.48 10.49 9.08
N THR B 87 16.39 10.59 8.33
CA THR B 87 15.41 11.64 8.55
C THR B 87 14.71 11.45 9.90
N TYR B 88 14.38 10.21 10.25
CA TYR B 88 13.78 9.93 11.55
C TYR B 88 14.73 10.23 12.69
N THR B 89 16.01 9.93 12.51
CA THR B 89 16.99 10.13 13.57
C THR B 89 17.18 11.60 13.88
N GLU B 90 17.22 12.45 12.85
CA GLU B 90 17.54 13.85 13.06
C GLU B 90 16.35 14.68 13.52
N HIS B 91 15.13 14.20 13.31
CA HIS B 91 13.97 14.87 13.87
C HIS B 91 13.91 14.70 15.38
N ALA B 92 14.46 13.60 15.89
CA ALA B 92 14.53 13.34 17.32
C ALA B 92 15.75 13.97 17.97
N LYS B 93 16.61 14.62 17.20
CA LYS B 93 17.79 15.31 17.72
C LYS B 93 18.78 14.35 18.37
N ARG B 94 18.89 13.15 17.81
CA ARG B 94 19.84 12.15 18.24
C ARG B 94 21.05 12.13 17.30
N LYS B 95 22.07 11.39 17.72
CA LYS B 95 23.26 11.19 16.90
C LYS B 95 23.53 9.72 16.63
N THR B 96 22.62 8.83 17.02
CA THR B 96 22.77 7.40 16.86
C THR B 96 21.51 6.86 16.20
N VAL B 97 21.68 6.06 15.15
CA VAL B 97 20.54 5.38 14.55
C VAL B 97 20.13 4.23 15.44
N THR B 98 18.85 4.16 15.79
CA THR B 98 18.35 3.13 16.68
C THR B 98 17.57 2.09 15.89
N SER B 99 17.26 0.98 16.57
CA SER B 99 16.56 -0.13 15.94
C SER B 99 15.15 0.24 15.53
N LEU B 100 14.53 1.23 16.16
CA LEU B 100 13.19 1.63 15.81
C LEU B 100 13.14 2.50 14.56
N ASP B 101 14.21 3.26 14.30
CA ASP B 101 14.27 4.06 13.08
C ASP B 101 14.30 3.19 11.83
N VAL B 102 14.90 2.01 11.91
CA VAL B 102 14.92 1.13 10.76
C VAL B 102 13.55 0.49 10.54
N VAL B 103 12.83 0.20 11.62
CA VAL B 103 11.53 -0.44 11.49
C VAL B 103 10.51 0.53 10.89
N TYR B 104 10.53 1.80 11.31
CA TYR B 104 9.59 2.77 10.76
C TYR B 104 9.89 3.07 9.30
N ALA B 105 11.15 3.04 8.90
CA ALA B 105 11.49 3.31 7.52
C ALA B 105 11.11 2.15 6.61
N LEU B 106 11.11 0.93 7.13
CA LEU B 106 10.73 -0.21 6.31
C LEU B 106 9.21 -0.29 6.17
N LYS B 107 8.48 -0.03 7.25
CA LYS B 107 7.02 -0.01 7.19
C LYS B 107 6.53 1.10 6.30
N ARG B 108 7.30 2.19 6.19
CA ARG B 108 6.94 3.30 5.34
C ARG B 108 6.82 2.90 3.88
N GLN B 109 7.56 1.88 3.45
CA GLN B 109 7.61 1.46 2.06
C GLN B 109 6.92 0.12 1.82
N GLY B 110 6.01 -0.27 2.71
CA GLY B 110 5.27 -1.51 2.51
C GLY B 110 6.06 -2.77 2.70
N ARG B 111 7.07 -2.76 3.58
CA ARG B 111 7.82 -3.96 3.94
C ARG B 111 7.88 -4.03 5.46
N THR B 112 6.85 -4.61 6.07
CA THR B 112 6.78 -4.70 7.52
C THR B 112 7.64 -5.84 8.04
N LEU B 113 8.37 -5.59 9.12
CA LEU B 113 9.28 -6.56 9.72
C LEU B 113 8.86 -6.83 11.16
N TYR B 114 8.69 -8.10 11.51
CA TYR B 114 8.41 -8.53 12.87
C TYR B 114 9.68 -9.10 13.51
N GLY B 115 9.81 -8.87 14.81
CA GLY B 115 10.85 -9.51 15.60
C GLY B 115 12.01 -8.64 16.01
N PHE B 116 11.93 -7.32 15.86
CA PHE B 116 12.98 -6.42 16.29
C PHE B 116 12.40 -5.26 17.10
N GLY B 117 11.29 -5.50 17.78
CA GLY B 117 10.72 -4.53 18.67
C GLY B 117 9.74 -3.57 18.05
N GLY B 118 9.28 -3.83 16.83
CA GLY B 118 8.38 -2.93 16.15
C GLY B 118 7.13 -2.55 16.92
N SER C 32 -6.78 39.46 6.06
CA SER C 32 -6.89 38.02 6.25
C SER C 32 -5.53 37.43 6.63
N ARG C 33 -5.51 36.14 6.94
CA ARG C 33 -4.27 35.47 7.27
C ARG C 33 -3.54 34.93 6.05
N SER C 34 -4.18 34.90 4.89
CA SER C 34 -3.47 34.54 3.67
C SER C 34 -2.70 35.74 3.11
N ALA C 35 -3.30 36.92 3.16
CA ALA C 35 -2.58 38.11 2.74
C ALA C 35 -1.38 38.40 3.64
N LYS C 36 -1.46 38.01 4.91
CA LYS C 36 -0.37 38.25 5.84
C LYS C 36 0.88 37.44 5.44
N ALA C 37 0.69 36.29 4.81
CA ALA C 37 1.80 35.42 4.46
C ALA C 37 2.12 35.42 2.97
N GLY C 38 1.40 36.21 2.17
CA GLY C 38 1.66 36.28 0.75
C GLY C 38 1.15 35.12 -0.05
N LEU C 39 -0.05 34.63 0.24
CA LEU C 39 -0.57 33.40 -0.34
C LEU C 39 -1.95 33.65 -0.95
N THR C 40 -2.42 32.68 -1.72
CA THR C 40 -3.75 32.73 -2.33
C THR C 40 -4.72 31.72 -1.74
N PHE C 41 -4.26 30.49 -1.47
CA PHE C 41 -5.09 29.49 -0.82
C PHE C 41 -5.51 29.96 0.56
N PRO C 42 -6.56 29.36 1.16
CA PRO C 42 -7.07 29.86 2.43
C PRO C 42 -6.37 29.30 3.67
N VAL C 43 -5.71 30.16 4.45
CA VAL C 43 -4.99 29.69 5.62
C VAL C 43 -5.95 29.31 6.74
N GLY C 44 -7.00 30.12 6.95
CA GLY C 44 -7.90 29.89 8.07
C GLY C 44 -8.74 28.64 7.93
N ARG C 45 -9.09 28.26 6.70
CA ARG C 45 -9.87 27.04 6.50
C ARG C 45 -9.02 25.82 6.77
N VAL C 46 -7.74 25.85 6.39
CA VAL C 46 -6.85 24.73 6.65
C VAL C 46 -6.61 24.57 8.14
N HIS C 47 -6.62 25.68 8.87
CA HIS C 47 -6.45 25.61 10.33
C HIS C 47 -7.61 24.86 10.99
N ARG C 48 -8.83 25.04 10.48
CA ARG C 48 -9.96 24.34 11.07
C ARG C 48 -9.95 22.86 10.73
N LEU C 49 -9.53 22.50 9.51
CA LEU C 49 -9.49 21.10 9.13
C LEU C 49 -8.45 20.33 9.92
N LEU C 50 -7.38 20.98 10.37
CA LEU C 50 -6.37 20.30 11.17
C LEU C 50 -6.84 20.09 12.60
N ARG C 51 -7.68 20.98 13.12
CA ARG C 51 -8.16 20.87 14.49
C ARG C 51 -9.26 19.83 14.66
N LYS C 52 -10.00 19.51 13.60
CA LYS C 52 -11.15 18.62 13.70
C LYS C 52 -10.92 17.29 13.00
N GLY C 53 -9.70 16.98 12.61
CA GLY C 53 -9.42 15.76 11.89
C GLY C 53 -8.85 14.62 12.70
N ASN C 54 -8.71 14.79 14.02
CA ASN C 54 -8.20 13.77 14.92
C ASN C 54 -6.76 13.40 14.57
N TYR C 55 -5.90 14.41 14.58
CA TYR C 55 -4.48 14.23 14.31
C TYR C 55 -3.61 14.38 15.54
N ALA C 56 -3.93 15.31 16.42
CA ALA C 56 -3.22 15.52 17.67
C ALA C 56 -4.13 16.31 18.60
N GLN C 57 -3.67 16.52 19.83
CA GLN C 57 -4.44 17.32 20.77
C GLN C 57 -4.22 18.81 20.57
N ARG C 58 -3.06 19.22 20.06
CA ARG C 58 -2.73 20.62 19.91
C ARG C 58 -2.10 20.89 18.56
N ILE C 59 -2.30 22.10 18.05
CA ILE C 59 -1.81 22.51 16.73
C ILE C 59 -1.00 23.78 16.91
N GLY C 60 0.21 23.78 16.37
CA GLY C 60 1.07 24.94 16.48
C GLY C 60 0.59 26.10 15.63
N SER C 61 1.16 27.27 15.90
CA SER C 61 0.68 28.48 15.23
C SER C 61 1.18 28.60 13.80
N GLY C 62 2.32 28.01 13.50
CA GLY C 62 2.90 28.12 12.17
C GLY C 62 2.61 26.92 11.31
N ALA C 63 2.02 25.88 11.90
CA ALA C 63 1.69 24.68 11.14
C ALA C 63 0.71 24.92 10.00
N PRO C 64 -0.39 25.67 10.19
CA PRO C 64 -1.29 25.89 9.04
C PRO C 64 -0.68 26.77 7.96
N VAL C 65 0.26 27.65 8.30
CA VAL C 65 0.85 28.53 7.30
C VAL C 65 1.84 27.76 6.43
N TYR C 66 2.61 26.86 7.03
CA TYR C 66 3.56 26.06 6.29
C TYR C 66 2.85 25.12 5.32
N LEU C 67 1.78 24.48 5.75
CA LEU C 67 1.11 23.47 4.94
C LEU C 67 0.30 24.09 3.81
N THR C 68 -0.21 25.31 4.00
CA THR C 68 -0.93 25.99 2.94
C THR C 68 0.00 26.42 1.82
N ALA C 69 1.24 26.79 2.14
CA ALA C 69 2.16 27.22 1.10
C ALA C 69 2.68 26.04 0.28
N VAL C 70 2.73 24.85 0.87
CA VAL C 70 3.15 23.68 0.13
C VAL C 70 2.03 23.23 -0.82
N LEU C 71 0.78 23.37 -0.40
CA LEU C 71 -0.33 22.95 -1.24
C LEU C 71 -0.46 23.83 -2.48
N GLU C 72 -0.25 25.15 -2.31
CA GLU C 72 -0.37 26.05 -3.45
C GLU C 72 0.79 25.89 -4.43
N TYR C 73 1.97 25.52 -3.94
CA TYR C 73 3.10 25.27 -4.83
C TYR C 73 2.86 24.05 -5.70
N LEU C 74 2.31 22.97 -5.13
CA LEU C 74 2.07 21.77 -5.91
C LEU C 74 0.93 21.96 -6.90
N ALA C 75 -0.07 22.76 -6.55
CA ALA C 75 -1.14 23.04 -7.49
C ALA C 75 -0.65 23.89 -8.65
N ALA C 76 0.11 24.95 -8.35
CA ALA C 76 0.62 25.81 -9.40
C ALA C 76 1.56 25.06 -10.34
N GLU C 77 2.23 24.03 -9.84
CA GLU C 77 3.20 23.31 -10.64
C GLU C 77 2.51 22.38 -11.62
N ILE C 78 1.54 21.61 -11.14
CA ILE C 78 0.79 20.70 -12.00
C ILE C 78 -0.09 21.46 -12.98
N LEU C 79 -0.40 22.71 -12.70
CA LEU C 79 -1.23 23.53 -13.56
C LEU C 79 -0.44 24.20 -14.67
N GLU C 80 0.87 24.38 -14.49
CA GLU C 80 1.70 24.95 -15.53
C GLU C 80 2.10 23.92 -16.57
N LEU C 81 2.20 22.65 -16.16
CA LEU C 81 2.55 21.60 -17.11
C LEU C 81 1.35 21.21 -17.97
N ALA C 82 0.15 21.21 -17.39
CA ALA C 82 -1.06 20.91 -18.14
C ALA C 82 -1.51 22.05 -19.02
N GLY C 83 -0.92 23.23 -18.89
CA GLY C 83 -1.26 24.34 -19.75
C GLY C 83 -0.40 24.33 -20.99
N ASN C 84 0.86 23.89 -20.82
CA ASN C 84 1.73 23.70 -21.97
C ASN C 84 1.18 22.63 -22.89
N ALA C 85 0.69 21.53 -22.31
CA ALA C 85 0.13 20.44 -23.11
C ALA C 85 -1.04 20.93 -23.96
N ALA C 86 -1.86 21.82 -23.40
CA ALA C 86 -2.98 22.35 -24.17
C ALA C 86 -2.51 23.37 -25.20
N ARG C 87 -1.45 24.12 -24.90
CA ARG C 87 -1.03 25.18 -25.79
C ARG C 87 -0.13 24.67 -26.92
N ASP C 88 0.14 23.38 -26.97
CA ASP C 88 0.76 22.76 -28.14
C ASP C 88 -0.28 22.34 -29.18
N ASN C 89 -1.39 21.76 -28.73
CA ASN C 89 -2.48 21.39 -29.60
C ASN C 89 -3.31 22.59 -30.05
N LYS C 90 -2.84 23.81 -29.78
CA LYS C 90 -3.60 25.02 -30.08
C LYS C 90 -5.00 24.95 -29.50
N LYS C 91 -5.11 24.35 -28.33
CA LYS C 91 -6.35 24.33 -27.57
C LYS C 91 -6.36 25.46 -26.56
N THR C 92 -7.56 25.80 -26.11
CA THR C 92 -7.74 26.91 -25.17
C THR C 92 -8.13 26.44 -23.77
N ARG C 93 -8.91 25.38 -23.67
CA ARG C 93 -9.42 24.89 -22.40
C ARG C 93 -8.75 23.57 -22.06
N ILE C 94 -8.44 23.37 -20.78
CA ILE C 94 -7.74 22.17 -20.31
C ILE C 94 -8.76 21.06 -20.07
N ILE C 95 -8.45 19.86 -20.58
CA ILE C 95 -9.33 18.71 -20.47
C ILE C 95 -8.56 17.61 -19.77
N PRO C 96 -9.25 16.59 -19.24
CA PRO C 96 -8.56 15.55 -18.47
C PRO C 96 -7.43 14.85 -19.19
N ARG C 97 -7.46 14.80 -20.52
CA ARG C 97 -6.36 14.19 -21.26
C ARG C 97 -5.06 14.97 -21.08
N HIS C 98 -5.15 16.29 -20.97
CA HIS C 98 -3.94 17.10 -20.81
C HIS C 98 -3.29 16.89 -19.44
N LEU C 99 -4.09 16.64 -18.41
CA LEU C 99 -3.54 16.36 -17.10
C LEU C 99 -2.78 15.04 -17.07
N GLN C 100 -3.24 14.05 -17.83
CA GLN C 100 -2.56 12.75 -17.85
C GLN C 100 -1.21 12.84 -18.53
N LEU C 101 -1.10 13.62 -19.61
CA LEU C 101 0.15 13.71 -20.33
C LEU C 101 1.22 14.40 -19.50
N ALA C 102 0.85 15.44 -18.77
CA ALA C 102 1.82 16.18 -17.96
C ALA C 102 2.39 15.32 -16.84
N ILE C 103 1.57 14.47 -16.23
CA ILE C 103 2.02 13.71 -15.08
C ILE C 103 2.90 12.54 -15.50
N ARG C 104 2.50 11.80 -16.54
CA ARG C 104 3.28 10.65 -16.96
C ARG C 104 4.56 11.05 -17.68
N ASN C 105 4.69 12.29 -18.10
CA ASN C 105 5.89 12.76 -18.79
C ASN C 105 6.89 13.41 -17.85
N ASP C 106 6.60 13.47 -16.56
CA ASP C 106 7.44 14.12 -15.58
C ASP C 106 7.90 13.11 -14.54
N ASP C 107 9.19 13.14 -14.23
CA ASP C 107 9.77 12.09 -13.39
C ASP C 107 9.30 12.19 -11.95
N GLU C 108 9.23 13.41 -11.41
CA GLU C 108 8.88 13.57 -10.00
C GLU C 108 7.38 13.40 -9.77
N LEU C 109 6.56 13.87 -10.70
CA LEU C 109 5.11 13.70 -10.55
C LEU C 109 4.67 12.28 -10.83
N ASN C 110 5.38 11.56 -11.70
CA ASN C 110 5.00 10.19 -12.02
C ASN C 110 5.22 9.26 -10.84
N LYS C 111 6.24 9.53 -10.03
CA LYS C 111 6.52 8.67 -8.89
C LYS C 111 5.65 9.00 -7.69
N LEU C 112 5.27 10.27 -7.54
CA LEU C 112 4.36 10.64 -6.46
C LEU C 112 2.96 10.08 -6.71
N LEU C 113 2.49 10.16 -7.94
CA LEU C 113 1.14 9.72 -8.32
C LEU C 113 1.16 8.39 -9.04
N GLY C 114 2.04 7.48 -8.63
CA GLY C 114 2.21 6.21 -9.31
C GLY C 114 1.13 5.19 -9.07
N ASN C 115 0.25 5.41 -8.08
CA ASN C 115 -0.84 4.50 -7.79
C ASN C 115 -2.19 5.14 -8.04
N VAL C 116 -2.29 6.08 -8.99
CA VAL C 116 -3.49 6.86 -9.19
C VAL C 116 -3.98 6.69 -10.63
N THR C 117 -5.30 6.65 -10.80
CA THR C 117 -5.94 6.58 -12.10
C THR C 117 -6.68 7.88 -12.38
N ILE C 118 -6.44 8.47 -13.54
CA ILE C 118 -7.11 9.69 -13.99
C ILE C 118 -8.27 9.31 -14.90
N ALA C 119 -9.46 9.80 -14.59
CA ALA C 119 -10.66 9.44 -15.36
C ALA C 119 -10.66 10.12 -16.71
N GLN C 120 -10.92 9.34 -17.76
CA GLN C 120 -10.90 9.81 -19.15
C GLN C 120 -9.55 10.36 -19.54
N GLY C 121 -8.48 9.79 -18.99
CA GLY C 121 -7.14 10.26 -19.29
C GLY C 121 -6.52 9.55 -20.48
N GLY C 122 -6.58 8.23 -20.51
CA GLY C 122 -5.96 7.45 -21.54
C GLY C 122 -4.61 6.91 -21.12
N VAL C 123 -3.78 6.65 -22.12
CA VAL C 123 -2.43 6.13 -21.92
C VAL C 123 -1.45 7.02 -22.71
N LEU C 124 -0.17 6.73 -22.55
CA LEU C 124 0.87 7.36 -23.35
C LEU C 124 1.15 6.53 -24.60
N PRO C 125 1.25 7.14 -25.78
CA PRO C 125 1.55 6.38 -26.99
C PRO C 125 2.92 5.70 -26.91
N ASN C 126 2.94 4.42 -27.24
CA ASN C 126 4.14 3.60 -27.11
C ASN C 126 3.97 2.31 -27.89
N ILE C 127 4.90 2.01 -28.78
CA ILE C 127 4.91 0.74 -29.51
C ILE C 127 6.30 0.13 -29.35
N HIS C 128 6.38 -0.97 -28.61
CA HIS C 128 7.63 -1.68 -28.39
C HIS C 128 8.18 -2.25 -29.69
N ARG D 49 -36.74 26.08 3.00
CA ARG D 49 -36.11 24.82 2.63
C ARG D 49 -34.86 25.06 1.80
N THR D 50 -33.69 24.93 2.43
CA THR D 50 -32.41 25.19 1.80
C THR D 50 -31.54 23.93 1.85
N LYS D 51 -30.47 23.96 1.08
CA LYS D 51 -29.54 22.84 0.97
C LYS D 51 -28.30 23.07 1.80
N ALA D 52 -27.48 22.02 1.93
CA ALA D 52 -26.19 22.16 2.57
C ALA D 52 -25.15 22.69 1.59
N ARG D 53 -24.18 23.43 2.12
CA ARG D 53 -23.15 24.08 1.30
C ARG D 53 -21.90 23.21 1.27
N LYS D 54 -21.38 22.99 0.07
CA LYS D 54 -20.20 22.16 -0.14
C LYS D 54 -18.98 23.04 -0.32
N GLU D 55 -17.89 22.68 0.35
CA GLU D 55 -16.64 23.42 0.26
C GLU D 55 -15.69 22.74 -0.72
N THR D 56 -15.08 23.51 -1.60
CA THR D 56 -14.06 23.01 -2.50
C THR D 56 -12.87 23.93 -2.52
N TYR D 57 -11.92 23.68 -3.43
CA TYR D 57 -10.79 24.56 -3.66
C TYR D 57 -10.89 25.27 -5.01
N SER D 58 -12.07 25.25 -5.63
CA SER D 58 -12.20 25.72 -7.00
C SER D 58 -12.02 27.22 -7.11
N SER D 59 -12.45 27.96 -6.09
CA SER D 59 -12.28 29.41 -6.08
C SER D 59 -10.82 29.82 -6.18
N TYR D 60 -9.93 29.03 -5.60
CA TYR D 60 -8.51 29.38 -5.51
C TYR D 60 -7.67 28.76 -6.61
N ILE D 61 -7.99 27.53 -7.02
CA ILE D 61 -7.33 26.93 -8.16
C ILE D 61 -7.52 27.80 -9.40
N TYR D 62 -8.67 28.46 -9.52
CA TYR D 62 -8.93 29.31 -10.66
C TYR D 62 -8.19 30.63 -10.60
N LYS D 63 -7.80 31.09 -9.41
CA LYS D 63 -7.03 32.33 -9.31
C LYS D 63 -5.56 32.10 -9.63
N VAL D 64 -5.00 30.98 -9.16
CA VAL D 64 -3.62 30.63 -9.46
C VAL D 64 -3.42 30.40 -10.96
N LEU D 65 -4.49 30.07 -11.68
CA LEU D 65 -4.38 29.88 -13.12
C LEU D 65 -4.45 31.21 -13.87
N LYS D 66 -5.43 32.05 -13.53
CA LYS D 66 -5.55 33.35 -14.17
C LYS D 66 -4.42 34.29 -13.82
N GLN D 67 -3.45 33.84 -13.04
CA GLN D 67 -2.36 34.68 -12.57
C GLN D 67 -1.19 34.70 -13.53
N THR D 68 -0.79 33.53 -14.04
CA THR D 68 0.30 33.47 -14.99
C THR D 68 -0.17 33.49 -16.43
N HIS D 69 -1.23 32.75 -16.74
CA HIS D 69 -1.75 32.66 -18.11
C HIS D 69 -3.23 33.00 -18.08
N PRO D 70 -3.61 34.24 -18.38
CA PRO D 70 -5.01 34.66 -18.21
C PRO D 70 -5.93 34.25 -19.34
N ASP D 71 -5.43 33.63 -20.41
CA ASP D 71 -6.26 33.26 -21.55
C ASP D 71 -6.60 31.79 -21.59
N THR D 72 -6.02 30.97 -20.72
CA THR D 72 -6.31 29.55 -20.67
C THR D 72 -7.51 29.31 -19.77
N GLY D 73 -8.28 28.28 -20.10
CA GLY D 73 -9.44 27.91 -19.30
C GLY D 73 -9.31 26.53 -18.70
N ILE D 74 -10.39 26.03 -18.10
CA ILE D 74 -10.39 24.69 -17.52
C ILE D 74 -11.83 24.20 -17.49
N SER D 75 -12.00 22.89 -17.69
CA SER D 75 -13.33 22.31 -17.77
C SER D 75 -13.77 21.75 -16.42
N GLN D 76 -15.08 21.53 -16.31
CA GLN D 76 -15.66 21.11 -15.04
C GLN D 76 -15.18 19.73 -14.61
N LYS D 77 -14.80 18.87 -15.55
CA LYS D 77 -14.27 17.56 -15.19
C LYS D 77 -12.81 17.64 -14.78
N SER D 78 -12.09 18.65 -15.27
CA SER D 78 -10.71 18.85 -14.86
C SER D 78 -10.61 19.47 -13.48
N MET D 79 -11.56 20.35 -13.15
CA MET D 79 -11.60 20.97 -11.83
C MET D 79 -11.94 19.95 -10.75
N SER D 80 -12.77 18.96 -11.08
CA SER D 80 -13.08 17.91 -10.12
C SER D 80 -11.86 17.05 -9.83
N ILE D 81 -11.03 16.81 -10.84
CA ILE D 81 -9.83 16.01 -10.64
C ILE D 81 -8.84 16.73 -9.74
N LEU D 82 -8.71 18.04 -9.91
CA LEU D 82 -7.75 18.81 -9.13
C LEU D 82 -8.16 18.97 -7.67
N ASN D 83 -9.45 18.88 -7.35
CA ASN D 83 -9.85 18.86 -5.96
C ASN D 83 -9.46 17.56 -5.28
N SER D 84 -9.54 16.44 -5.99
CA SER D 84 -9.11 15.18 -5.40
C SER D 84 -7.61 15.14 -5.18
N PHE D 85 -6.85 15.89 -5.99
CA PHE D 85 -5.40 15.94 -5.81
C PHE D 85 -5.03 16.72 -4.57
N VAL D 86 -5.70 17.84 -4.32
CA VAL D 86 -5.37 18.66 -3.15
C VAL D 86 -5.82 17.97 -1.87
N ASN D 87 -6.93 17.23 -1.91
CA ASN D 87 -7.39 16.54 -0.70
C ASN D 87 -6.55 15.32 -0.40
N ASP D 88 -5.94 14.72 -1.42
CA ASP D 88 -5.13 13.54 -1.21
C ASP D 88 -3.76 13.89 -0.62
N ILE D 89 -3.15 14.97 -1.10
CA ILE D 89 -1.85 15.37 -0.54
C ILE D 89 -2.03 15.93 0.86
N PHE D 90 -3.13 16.63 1.11
CA PHE D 90 -3.40 17.12 2.46
C PHE D 90 -3.38 15.98 3.47
N GLU D 91 -4.13 14.92 3.18
CA GLU D 91 -4.26 13.81 4.11
C GLU D 91 -2.97 13.03 4.27
N ARG D 92 -2.15 12.97 3.22
CA ARG D 92 -0.88 12.26 3.32
C ARG D 92 0.08 12.97 4.28
N ILE D 93 0.14 14.30 4.22
CA ILE D 93 1.06 15.04 5.06
C ILE D 93 0.53 15.11 6.49
N ALA D 94 -0.79 15.20 6.67
CA ALA D 94 -1.34 15.29 8.01
C ALA D 94 -1.29 13.96 8.74
N THR D 95 -1.39 12.85 8.02
CA THR D 95 -1.33 11.54 8.65
C THR D 95 0.10 11.19 9.04
N GLU D 96 1.09 11.66 8.28
CA GLU D 96 2.48 11.41 8.61
C GLU D 96 2.96 12.32 9.73
N SER D 97 2.43 13.54 9.82
CA SER D 97 2.79 14.42 10.93
C SER D 97 2.23 13.91 12.24
N SER D 98 1.14 13.16 12.19
CA SER D 98 0.50 12.62 13.38
C SER D 98 1.25 11.43 13.97
N LYS D 99 2.00 10.70 13.14
CA LYS D 99 2.83 9.61 13.64
C LYS D 99 4.14 10.12 14.21
N LEU D 100 4.74 11.13 13.56
CA LEU D 100 6.00 11.69 14.04
C LEU D 100 5.86 12.20 15.47
N ALA D 101 4.71 12.76 15.81
CA ALA D 101 4.52 13.26 17.16
C ALA D 101 4.32 12.13 18.16
N ALA D 102 3.66 11.06 17.74
CA ALA D 102 3.45 9.93 18.64
C ALA D 102 4.72 9.12 18.85
N TYR D 103 5.60 9.07 17.85
CA TYR D 103 6.87 8.36 18.01
C TYR D 103 7.81 9.07 18.96
N ASN D 104 7.57 10.34 19.28
CA ASN D 104 8.46 11.10 20.14
C ASN D 104 7.78 11.55 21.43
N LYS D 105 6.55 11.13 21.67
CA LYS D 105 5.82 11.39 22.90
C LYS D 105 5.54 12.88 23.09
N LYS D 106 5.07 13.51 22.02
CA LYS D 106 4.60 14.88 22.03
C LYS D 106 3.10 14.89 21.77
N SER D 107 2.48 16.03 22.05
CA SER D 107 1.05 16.17 21.77
C SER D 107 0.77 17.38 20.89
N THR D 108 1.76 17.87 20.16
CA THR D 108 1.62 19.05 19.32
C THR D 108 2.21 18.79 17.96
N ILE D 109 1.52 19.22 16.92
CA ILE D 109 2.04 19.21 15.56
C ILE D 109 2.45 20.64 15.23
N SER D 110 3.75 20.84 15.00
CA SER D 110 4.34 22.15 14.78
C SER D 110 4.76 22.31 13.32
N ALA D 111 5.34 23.47 13.02
CA ALA D 111 5.91 23.67 11.70
C ALA D 111 7.15 22.81 11.49
N ARG D 112 7.76 22.34 12.56
CA ARG D 112 8.88 21.41 12.45
C ARG D 112 8.42 20.02 12.06
N GLU D 113 7.21 19.63 12.47
CA GLU D 113 6.65 18.35 12.06
C GLU D 113 6.22 18.38 10.60
N ILE D 114 5.57 19.47 10.16
CA ILE D 114 5.15 19.57 8.78
C ILE D 114 6.35 19.45 7.84
N GLN D 115 7.46 20.08 8.20
CA GLN D 115 8.63 20.08 7.33
C GLN D 115 9.25 18.70 7.20
N THR D 116 9.26 17.92 8.27
CA THR D 116 9.86 16.59 8.20
C THR D 116 8.98 15.64 7.41
N ALA D 117 7.66 15.79 7.51
CA ALA D 117 6.76 14.94 6.73
C ALA D 117 6.85 15.26 5.24
N VAL D 118 7.13 16.50 4.88
CA VAL D 118 7.25 16.87 3.47
C VAL D 118 8.49 16.26 2.86
N ARG D 119 9.55 16.06 3.65
CA ARG D 119 10.77 15.43 3.16
C ARG D 119 10.61 13.92 3.03
N LEU D 120 9.72 13.31 3.80
CA LEU D 120 9.51 11.88 3.70
C LEU D 120 8.57 11.50 2.57
N ILE D 121 7.67 12.39 2.18
CA ILE D 121 6.61 12.08 1.24
C ILE D 121 6.94 12.54 -0.19
N LEU D 122 7.54 13.71 -0.33
CA LEU D 122 7.78 14.13 -1.70
C LEU D 122 9.12 13.61 -2.22
N PRO D 123 9.23 13.33 -3.51
CA PRO D 123 10.48 12.78 -4.03
C PRO D 123 11.46 13.82 -4.55
N GLY D 124 12.70 13.75 -4.08
CA GLY D 124 13.82 14.36 -4.79
C GLY D 124 13.77 15.88 -4.87
N GLU D 125 13.80 16.38 -6.11
CA GLU D 125 13.85 17.82 -6.36
C GLU D 125 12.53 18.51 -6.08
N LEU D 126 11.43 17.75 -6.01
CA LEU D 126 10.15 18.33 -5.65
C LEU D 126 10.11 18.73 -4.19
N ALA D 127 10.83 18.01 -3.33
CA ALA D 127 10.83 18.31 -1.91
C ALA D 127 11.83 19.39 -1.54
N LYS D 128 12.77 19.72 -2.42
CA LYS D 128 13.68 20.81 -2.13
C LYS D 128 13.02 22.17 -2.36
N HIS D 129 12.14 22.28 -3.35
CA HIS D 129 11.45 23.53 -3.62
C HIS D 129 10.25 23.75 -2.72
N ALA D 130 9.67 22.67 -2.18
CA ALA D 130 8.55 22.79 -1.27
C ALA D 130 8.97 23.20 0.12
N VAL D 131 10.25 23.02 0.45
CA VAL D 131 10.76 23.48 1.74
C VAL D 131 11.10 24.96 1.69
N SER D 132 11.43 25.48 0.52
CA SER D 132 11.78 26.90 0.41
C SER D 132 10.54 27.77 0.35
N GLU D 133 9.50 27.34 -0.35
CA GLU D 133 8.27 28.11 -0.38
C GLU D 133 7.60 28.13 0.99
N GLY D 134 7.74 27.04 1.74
CA GLY D 134 7.06 26.93 3.02
C GLY D 134 7.73 27.68 4.15
N THR D 135 9.06 27.82 4.12
CA THR D 135 9.73 28.61 5.15
C THR D 135 9.73 30.09 4.85
N ARG D 136 9.51 30.47 3.59
CA ARG D 136 9.43 31.88 3.25
C ARG D 136 8.09 32.47 3.66
N ALA D 137 7.07 31.62 3.77
CA ALA D 137 5.76 32.06 4.23
C ALA D 137 5.74 32.27 5.74
N VAL D 138 6.34 31.35 6.49
CA VAL D 138 6.36 31.49 7.95
C VAL D 138 7.24 32.68 8.35
N THR D 139 8.27 32.96 7.56
CA THR D 139 9.08 34.15 7.83
C THR D 139 8.30 35.43 7.53
N LYS D 140 7.55 35.45 6.44
CA LYS D 140 6.80 36.65 6.08
C LYS D 140 5.57 36.82 6.94
N TYR D 141 4.96 35.73 7.38
CA TYR D 141 3.77 35.82 8.22
C TYR D 141 4.10 36.50 9.55
N SER D 142 5.11 36.01 10.25
CA SER D 142 5.39 36.44 11.61
C SER D 142 6.33 37.63 11.66
N SER D 143 6.40 38.42 10.60
CA SER D 143 7.12 39.69 10.62
C SER D 143 6.17 40.88 10.68
N SER D 144 4.90 40.63 10.95
CA SER D 144 3.87 41.66 10.91
C SER D 144 3.43 42.04 12.32
N THR E 133 -1.39 -4.43 -46.42
CA THR E 133 -0.58 -5.33 -45.62
C THR E 133 -1.26 -5.59 -44.27
N PRO E 134 -1.41 -6.87 -43.89
CA PRO E 134 -2.10 -7.18 -42.65
C PRO E 134 -1.32 -6.81 -41.40
N SER E 135 -0.02 -6.58 -41.50
CA SER E 135 0.75 -6.19 -40.33
C SER E 135 0.65 -4.69 -40.08
N GLU E 136 0.58 -3.89 -41.14
CA GLU E 136 0.41 -2.45 -40.98
C GLU E 136 -1.02 -2.08 -40.60
N LEU E 137 -1.96 -3.04 -40.62
CA LEU E 137 -3.30 -2.77 -40.13
C LEU E 137 -3.34 -2.79 -38.60
N ALA E 138 -2.61 -3.71 -37.98
CA ALA E 138 -2.54 -3.73 -36.53
C ALA E 138 -1.75 -2.55 -35.99
N LEU E 139 -0.77 -2.05 -36.75
CA LEU E 139 -0.06 -0.86 -36.34
C LEU E 139 -0.93 0.37 -36.45
N TYR E 140 -1.77 0.42 -37.49
CA TYR E 140 -2.75 1.49 -37.63
C TYR E 140 -3.75 1.48 -36.48
N GLU E 141 -4.09 0.28 -35.97
CA GLU E 141 -5.09 0.18 -34.92
C GLU E 141 -4.49 0.42 -33.53
N ILE E 142 -3.20 0.15 -33.34
CA ILE E 142 -2.58 0.48 -32.06
C ILE E 142 -2.44 1.99 -31.95
N ARG E 143 -2.11 2.67 -33.06
CA ARG E 143 -2.03 4.12 -33.06
C ARG E 143 -3.39 4.75 -32.78
N LYS E 144 -4.46 4.16 -33.30
CA LYS E 144 -5.78 4.77 -33.22
C LYS E 144 -6.34 4.73 -31.81
N TYR E 145 -6.19 3.60 -31.12
CA TYR E 145 -6.79 3.44 -29.80
C TYR E 145 -5.88 3.89 -28.68
N GLN E 146 -4.65 4.27 -28.97
CA GLN E 146 -3.80 4.91 -28.00
C GLN E 146 -3.92 6.43 -28.01
N ARG E 147 -4.70 6.98 -28.93
CA ARG E 147 -5.04 8.40 -28.97
C ARG E 147 -6.39 8.70 -28.34
N SER E 148 -7.31 7.75 -28.38
CA SER E 148 -8.66 7.97 -27.87
C SER E 148 -8.70 7.81 -26.36
N THR E 149 -9.78 8.32 -25.76
CA THR E 149 -9.96 8.24 -24.31
C THR E 149 -11.31 7.65 -23.94
N ASP E 150 -12.00 7.02 -24.89
CA ASP E 150 -13.35 6.54 -24.68
C ASP E 150 -13.34 5.22 -23.90
N LEU E 151 -14.53 4.85 -23.42
CA LEU E 151 -14.74 3.52 -22.84
C LEU E 151 -15.12 2.57 -23.95
N LEU E 152 -14.52 1.38 -23.94
CA LEU E 152 -14.58 0.46 -25.07
C LEU E 152 -15.53 -0.71 -24.86
N ILE E 153 -16.05 -0.91 -23.66
CA ILE E 153 -17.07 -1.92 -23.40
C ILE E 153 -18.43 -1.24 -23.43
N SER E 154 -19.44 -1.93 -23.96
CA SER E 154 -20.77 -1.35 -24.03
C SER E 154 -21.35 -1.15 -22.65
N LYS E 155 -22.34 -0.26 -22.56
CA LYS E 155 -22.75 0.26 -21.26
C LYS E 155 -23.91 -0.54 -20.68
N ILE E 156 -24.87 -0.91 -21.51
CA ILE E 156 -26.04 -1.64 -21.04
C ILE E 156 -25.64 -3.07 -20.64
N PRO E 157 -24.84 -3.80 -21.42
CA PRO E 157 -24.40 -5.11 -20.93
C PRO E 157 -23.46 -5.06 -19.73
N PHE E 158 -22.68 -4.00 -19.57
CA PHE E 158 -21.80 -3.93 -18.41
C PHE E 158 -22.58 -3.70 -17.13
N ALA E 159 -23.66 -2.92 -17.21
CA ALA E 159 -24.44 -2.63 -16.02
C ALA E 159 -25.26 -3.84 -15.57
N ARG E 160 -25.58 -4.75 -16.48
CA ARG E 160 -26.28 -5.97 -16.10
C ARG E 160 -25.37 -6.91 -15.33
N LEU E 161 -24.10 -6.98 -15.72
CA LEU E 161 -23.16 -7.87 -15.04
C LEU E 161 -22.86 -7.38 -13.64
N VAL E 162 -22.92 -6.06 -13.41
CA VAL E 162 -22.64 -5.53 -12.09
C VAL E 162 -23.81 -5.77 -11.15
N LYS E 163 -25.04 -5.76 -11.66
CA LYS E 163 -26.19 -6.02 -10.81
C LYS E 163 -26.38 -7.51 -10.54
N GLU E 164 -25.73 -8.37 -11.30
CA GLU E 164 -25.81 -9.81 -11.04
C GLU E 164 -24.78 -10.24 -10.01
N VAL E 165 -23.58 -9.67 -10.05
CA VAL E 165 -22.59 -9.94 -9.02
C VAL E 165 -23.08 -9.45 -7.66
N THR E 166 -23.93 -8.43 -7.65
CA THR E 166 -24.43 -7.89 -6.38
C THR E 166 -25.40 -8.84 -5.70
N ASP E 167 -26.21 -9.58 -6.46
CA ASP E 167 -27.19 -10.47 -5.87
C ASP E 167 -26.57 -11.61 -5.07
N GLU E 168 -25.27 -11.83 -5.18
CA GLU E 168 -24.60 -12.89 -4.46
C GLU E 168 -24.12 -12.46 -3.08
N PHE E 169 -24.15 -11.17 -2.78
CA PHE E 169 -23.76 -10.67 -1.47
C PHE E 169 -24.95 -10.17 -0.67
N THR E 170 -26.17 -10.39 -1.14
CA THR E 170 -27.36 -9.98 -0.42
C THR E 170 -28.26 -11.18 -0.20
N THR E 171 -29.10 -11.09 0.84
CA THR E 171 -30.01 -12.15 1.20
C THR E 171 -31.38 -11.95 0.53
N LYS E 172 -32.38 -12.70 0.99
CA LYS E 172 -33.68 -12.70 0.35
C LYS E 172 -34.44 -11.39 0.63
N ASP E 173 -34.88 -10.74 -0.44
CA ASP E 173 -35.65 -9.49 -0.38
C ASP E 173 -34.88 -8.39 0.34
N GLN E 174 -33.62 -8.22 -0.04
CA GLN E 174 -32.80 -7.12 0.45
C GLN E 174 -32.01 -6.51 -0.70
N ASP E 175 -32.63 -6.43 -1.88
CA ASP E 175 -31.95 -5.95 -3.08
C ASP E 175 -31.52 -4.50 -2.92
N LEU E 176 -30.52 -4.13 -3.71
CA LEU E 176 -29.95 -2.79 -3.65
C LEU E 176 -30.03 -2.15 -5.03
N ARG E 177 -30.00 -0.82 -5.03
CA ARG E 177 -29.97 -0.04 -6.25
C ARG E 177 -28.59 0.53 -6.46
N TRP E 178 -28.39 1.14 -7.63
CA TRP E 178 -27.13 1.75 -8.01
C TRP E 178 -27.42 3.13 -8.56
N GLN E 179 -26.66 4.13 -8.10
CA GLN E 179 -26.68 5.42 -8.77
C GLN E 179 -26.02 5.30 -10.14
N SER E 180 -26.53 6.08 -11.09
CA SER E 180 -25.98 6.01 -12.45
C SER E 180 -24.53 6.44 -12.52
N MET E 181 -24.07 7.27 -11.58
CA MET E 181 -22.68 7.70 -11.56
C MET E 181 -21.77 6.73 -10.83
N ALA E 182 -22.31 5.77 -10.08
CA ALA E 182 -21.49 4.76 -9.46
C ALA E 182 -21.13 3.65 -10.43
N ILE E 183 -22.02 3.35 -11.37
CA ILE E 183 -21.70 2.36 -12.40
C ILE E 183 -20.66 2.89 -13.36
N MET E 184 -20.60 4.22 -13.53
CA MET E 184 -19.61 4.81 -14.43
C MET E 184 -18.25 4.90 -13.76
N ALA E 185 -18.22 5.04 -12.44
CA ALA E 185 -16.95 5.03 -11.74
C ALA E 185 -16.34 3.64 -11.70
N LEU E 186 -17.19 2.61 -11.59
CA LEU E 186 -16.72 1.24 -11.53
C LEU E 186 -16.27 0.72 -12.89
N GLN E 187 -16.71 1.34 -13.98
CA GLN E 187 -16.27 0.94 -15.31
C GLN E 187 -14.98 1.62 -15.73
N GLU E 188 -14.74 2.85 -15.27
CA GLU E 188 -13.48 3.51 -15.57
C GLU E 188 -12.32 2.84 -14.87
N ALA E 189 -12.54 2.24 -13.71
CA ALA E 189 -11.49 1.59 -12.95
C ALA E 189 -11.26 0.15 -13.37
N SER E 190 -12.23 -0.48 -14.03
CA SER E 190 -12.06 -1.85 -14.49
C SER E 190 -11.27 -1.92 -15.79
N GLU E 191 -11.46 -0.94 -16.66
CA GLU E 191 -10.73 -0.92 -17.92
C GLU E 191 -9.31 -0.39 -17.74
N ALA E 192 -9.09 0.47 -16.75
CA ALA E 192 -7.73 0.87 -16.44
C ALA E 192 -6.93 -0.31 -15.89
N TYR E 193 -7.60 -1.27 -15.25
CA TYR E 193 -6.95 -2.45 -14.72
C TYR E 193 -6.67 -3.47 -15.82
N LEU E 194 -7.58 -3.60 -16.77
CA LEU E 194 -7.41 -4.59 -17.83
C LEU E 194 -6.39 -4.16 -18.87
N VAL E 195 -6.26 -2.86 -19.13
CA VAL E 195 -5.26 -2.40 -20.08
C VAL E 195 -3.87 -2.51 -19.49
N GLY E 196 -3.74 -2.30 -18.17
CA GLY E 196 -2.44 -2.42 -17.55
C GLY E 196 -1.94 -3.84 -17.43
N LEU E 197 -2.85 -4.81 -17.41
CA LEU E 197 -2.47 -6.21 -17.30
C LEU E 197 -2.18 -6.84 -18.65
N LEU E 198 -2.86 -6.39 -19.69
CA LEU E 198 -2.57 -6.85 -21.04
C LEU E 198 -1.27 -6.28 -21.58
N GLU E 199 -0.72 -5.26 -20.93
CA GLU E 199 0.57 -4.71 -21.35
C GLU E 199 1.75 -5.41 -20.70
N HIS E 200 1.59 -5.92 -19.48
CA HIS E 200 2.59 -6.80 -18.90
C HIS E 200 2.56 -8.17 -19.55
N THR E 201 1.40 -8.58 -20.07
CA THR E 201 1.31 -9.83 -20.81
C THR E 201 2.04 -9.74 -22.14
N ASN E 202 2.04 -8.57 -22.77
CA ASN E 202 2.77 -8.38 -24.01
C ASN E 202 4.27 -8.40 -23.79
N LEU E 203 4.72 -7.90 -22.65
CA LEU E 203 6.15 -7.89 -22.35
C LEU E 203 6.69 -9.29 -22.12
N LEU E 204 5.85 -10.20 -21.65
CA LEU E 204 6.28 -11.58 -21.42
C LEU E 204 6.25 -12.43 -22.67
N ALA E 205 5.57 -11.98 -23.72
CA ALA E 205 5.58 -12.68 -24.99
C ALA E 205 6.77 -12.29 -25.85
N LEU E 206 7.24 -11.05 -25.73
CA LEU E 206 8.44 -10.64 -26.42
C LEU E 206 9.69 -11.16 -25.75
N HIS E 207 9.58 -11.59 -24.49
CA HIS E 207 10.69 -12.23 -23.80
C HIS E 207 10.90 -13.66 -24.27
N ALA E 208 9.83 -14.34 -24.67
CA ALA E 208 9.91 -15.68 -25.25
C ALA E 208 9.99 -15.65 -26.76
N LYS E 209 10.16 -14.47 -27.37
CA LYS E 209 10.41 -14.30 -28.80
C LYS E 209 9.20 -14.69 -29.66
N ARG E 210 8.01 -14.31 -29.21
CA ARG E 210 6.78 -14.43 -29.98
C ARG E 210 6.14 -13.06 -30.08
N ILE E 211 5.20 -12.92 -31.02
CA ILE E 211 4.36 -11.72 -31.07
C ILE E 211 2.93 -12.01 -30.72
N THR E 212 2.59 -13.28 -30.50
CA THR E 212 1.24 -13.69 -30.12
C THR E 212 1.19 -13.94 -28.62
N ILE E 213 0.26 -13.28 -27.94
CA ILE E 213 0.12 -13.47 -26.50
C ILE E 213 -0.70 -14.74 -26.23
N MET E 214 -0.21 -15.57 -25.33
CA MET E 214 -0.82 -16.84 -25.01
C MET E 214 -1.48 -16.78 -23.64
N LYS E 215 -2.20 -17.85 -23.31
CA LYS E 215 -2.83 -17.94 -22.00
C LYS E 215 -1.78 -18.11 -20.90
N LYS E 216 -0.62 -18.66 -21.23
CA LYS E 216 0.43 -18.86 -20.25
C LYS E 216 1.23 -17.60 -19.95
N ASP E 217 1.12 -16.57 -20.78
CA ASP E 217 1.73 -15.29 -20.45
C ASP E 217 0.91 -14.55 -19.40
N MET E 218 -0.42 -14.63 -19.51
CA MET E 218 -1.28 -13.94 -18.57
C MET E 218 -1.20 -14.55 -17.18
N GLN E 219 -0.94 -15.85 -17.11
CA GLN E 219 -0.85 -16.51 -15.82
C GLN E 219 0.42 -16.14 -15.08
N LEU E 220 1.56 -16.12 -15.77
CA LEU E 220 2.81 -15.75 -15.12
C LEU E 220 2.82 -14.29 -14.71
N ALA E 221 2.11 -13.43 -15.43
CA ALA E 221 2.09 -12.01 -15.09
C ALA E 221 1.30 -11.77 -13.81
N ARG E 222 0.19 -12.46 -13.63
CA ARG E 222 -0.59 -12.30 -12.40
C ARG E 222 0.18 -12.81 -11.19
N ARG E 223 1.14 -13.70 -11.41
CA ARG E 223 1.89 -14.26 -10.30
C ARG E 223 3.06 -13.37 -9.91
N ILE E 224 3.69 -12.69 -10.88
CA ILE E 224 4.82 -11.83 -10.57
C ILE E 224 4.36 -10.61 -9.78
N ARG E 225 3.25 -10.01 -10.21
CA ARG E 225 2.66 -8.89 -9.48
C ARG E 225 1.56 -9.46 -8.59
N GLY E 226 1.86 -9.61 -7.30
CA GLY E 226 1.00 -10.38 -6.44
C GLY E 226 -0.20 -9.65 -5.89
N GLN E 227 -1.15 -9.32 -6.76
CA GLN E 227 -2.35 -8.59 -6.35
C GLN E 227 -3.53 -9.51 -6.10
N PHE E 228 -3.87 -10.33 -7.10
CA PHE E 228 -4.97 -11.28 -6.97
C PHE E 228 -4.50 -12.72 -7.05
N ILE E 229 -3.86 -13.12 -8.15
CA ILE E 229 -3.64 -14.51 -8.54
C ILE E 229 -4.68 -15.47 -7.97
N ASP F 40 -25.80 -15.79 -18.20
CA ASP F 40 -25.02 -15.54 -19.41
C ASP F 40 -24.72 -14.06 -19.55
N ASN F 41 -24.41 -13.42 -18.43
CA ASN F 41 -24.13 -11.99 -18.44
C ASN F 41 -22.64 -11.71 -18.61
N ILE F 42 -21.78 -12.65 -18.27
CA ILE F 42 -20.36 -12.52 -18.59
C ILE F 42 -20.14 -12.56 -20.10
N GLN F 43 -21.06 -13.15 -20.86
CA GLN F 43 -20.93 -13.23 -22.30
C GLN F 43 -21.27 -11.92 -23.00
N GLY F 44 -21.78 -10.93 -22.27
CA GLY F 44 -21.97 -9.60 -22.84
C GLY F 44 -20.70 -8.83 -23.07
N ILE F 45 -19.59 -9.30 -22.51
CA ILE F 45 -18.26 -8.77 -22.77
C ILE F 45 -17.74 -9.42 -24.04
N THR F 46 -18.00 -8.79 -25.17
CA THR F 46 -17.83 -9.48 -26.45
C THR F 46 -16.36 -9.55 -26.85
N LYS F 47 -16.08 -10.40 -27.82
CA LYS F 47 -14.73 -10.64 -28.31
C LYS F 47 -14.17 -9.44 -29.06
N PRO F 48 -14.92 -8.78 -29.95
CA PRO F 48 -14.38 -7.58 -30.59
C PRO F 48 -14.10 -6.44 -29.63
N ALA F 49 -14.70 -6.44 -28.44
CA ALA F 49 -14.42 -5.41 -27.46
C ALA F 49 -13.21 -5.76 -26.60
N ILE F 50 -12.81 -7.02 -26.55
CA ILE F 50 -11.56 -7.38 -25.88
C ILE F 50 -10.38 -7.13 -26.80
N ARG F 51 -10.59 -7.15 -28.12
CA ARG F 51 -9.52 -6.82 -29.04
C ARG F 51 -9.19 -5.34 -29.00
N ARG F 52 -10.18 -4.48 -28.79
CA ARG F 52 -9.90 -3.05 -28.73
C ARG F 52 -9.18 -2.66 -27.45
N LEU F 53 -9.39 -3.43 -26.37
CA LEU F 53 -8.65 -3.17 -25.14
C LEU F 53 -7.20 -3.62 -25.27
N ALA F 54 -6.95 -4.68 -26.04
CA ALA F 54 -5.58 -5.14 -26.26
C ALA F 54 -4.83 -4.23 -27.21
N ARG F 55 -5.52 -3.48 -28.06
CA ARG F 55 -4.84 -2.53 -28.92
C ARG F 55 -4.31 -1.35 -28.13
N ARG F 56 -5.08 -0.86 -27.15
CA ARG F 56 -4.61 0.21 -26.29
C ARG F 56 -3.46 -0.22 -25.40
N GLY F 57 -3.10 -1.50 -25.39
CA GLY F 57 -1.97 -1.98 -24.63
C GLY F 57 -0.80 -2.36 -25.52
N GLY F 58 -0.98 -2.25 -26.82
CA GLY F 58 0.11 -2.45 -27.76
C GLY F 58 0.28 -3.85 -28.31
N VAL F 59 -0.77 -4.67 -28.28
CA VAL F 59 -0.68 -6.07 -28.68
C VAL F 59 -0.96 -6.19 -30.17
N LYS F 60 -0.23 -7.09 -30.85
CA LYS F 60 -0.35 -7.32 -32.28
C LYS F 60 -1.15 -8.56 -32.65
N ARG F 61 -0.95 -9.69 -31.96
CA ARG F 61 -1.70 -10.91 -32.23
C ARG F 61 -2.23 -11.46 -30.92
N ILE F 62 -3.37 -12.16 -31.01
CA ILE F 62 -4.06 -12.71 -29.86
C ILE F 62 -4.36 -14.18 -30.11
N SER F 63 -4.26 -14.99 -29.07
CA SER F 63 -4.62 -16.40 -29.14
C SER F 63 -6.10 -16.60 -28.86
N GLY F 64 -6.66 -17.65 -29.44
CA GLY F 64 -8.07 -17.94 -29.27
C GLY F 64 -8.48 -18.24 -27.84
N LEU F 65 -7.53 -18.73 -27.03
CA LEU F 65 -7.81 -19.06 -25.64
C LEU F 65 -7.64 -17.88 -24.69
N ILE F 66 -7.43 -16.68 -25.21
CA ILE F 66 -7.27 -15.52 -24.35
C ILE F 66 -8.62 -14.96 -23.92
N TYR F 67 -9.64 -15.07 -24.77
CA TYR F 67 -10.89 -14.35 -24.53
C TYR F 67 -11.62 -14.87 -23.29
N GLU F 68 -11.64 -16.19 -23.09
CA GLU F 68 -12.28 -16.72 -21.90
C GLU F 68 -11.46 -16.45 -20.65
N GLU F 69 -10.15 -16.31 -20.77
CA GLU F 69 -9.31 -16.00 -19.62
C GLU F 69 -9.47 -14.55 -19.17
N VAL F 70 -9.73 -13.63 -20.10
CA VAL F 70 -9.91 -12.23 -19.74
C VAL F 70 -11.21 -12.03 -18.99
N ARG F 71 -12.27 -12.75 -19.39
CA ARG F 71 -13.54 -12.68 -18.69
C ARG F 71 -13.43 -13.17 -17.25
N ASN F 72 -12.61 -14.17 -17.01
CA ASN F 72 -12.46 -14.68 -15.64
C ASN F 72 -11.74 -13.68 -14.75
N VAL F 73 -10.83 -12.90 -15.30
CA VAL F 73 -10.09 -11.93 -14.51
C VAL F 73 -10.94 -10.71 -14.19
N LEU F 74 -11.87 -10.33 -15.07
CA LEU F 74 -12.78 -9.25 -14.76
C LEU F 74 -13.81 -9.66 -13.71
N LYS F 75 -14.30 -10.90 -13.79
CA LYS F 75 -15.24 -11.38 -12.80
C LYS F 75 -14.61 -11.45 -11.41
N THR F 76 -13.33 -11.84 -11.34
CA THR F 76 -12.63 -11.89 -10.05
C THR F 76 -12.43 -10.49 -9.48
N PHE F 77 -12.05 -9.53 -10.32
CA PHE F 77 -11.77 -8.18 -9.85
C PHE F 77 -13.05 -7.47 -9.43
N LEU F 78 -14.15 -7.72 -10.13
CA LEU F 78 -15.41 -7.08 -9.79
C LEU F 78 -15.97 -7.58 -8.47
N GLU F 79 -15.77 -8.86 -8.15
CA GLU F 79 -16.28 -9.37 -6.89
C GLU F 79 -15.51 -8.83 -5.69
N SER F 80 -14.21 -8.60 -5.85
CA SER F 80 -13.41 -8.09 -4.75
C SER F 80 -13.77 -6.65 -4.41
N VAL F 81 -14.18 -5.87 -5.40
CA VAL F 81 -14.50 -4.47 -5.18
C VAL F 81 -15.94 -4.29 -4.73
N ILE F 82 -16.88 -5.03 -5.32
CA ILE F 82 -18.29 -4.86 -4.98
C ILE F 82 -18.57 -5.39 -3.58
N ARG F 83 -17.86 -6.42 -3.16
CA ARG F 83 -18.04 -6.94 -1.80
C ARG F 83 -17.74 -5.88 -0.76
N ASP F 84 -16.68 -5.10 -0.98
CA ASP F 84 -16.33 -4.06 -0.03
C ASP F 84 -17.26 -2.85 -0.12
N ALA F 85 -17.85 -2.61 -1.28
CA ALA F 85 -18.72 -1.45 -1.45
C ALA F 85 -20.12 -1.68 -0.91
N VAL F 86 -20.57 -2.93 -0.84
CA VAL F 86 -21.84 -3.22 -0.20
C VAL F 86 -21.72 -3.20 1.32
N THR F 87 -20.52 -3.40 1.85
CA THR F 87 -20.31 -3.27 3.29
C THR F 87 -20.40 -1.80 3.72
N TYR F 88 -19.88 -0.88 2.89
CA TYR F 88 -20.02 0.54 3.18
C TYR F 88 -21.47 1.00 3.07
N THR F 89 -22.27 0.37 2.22
CA THR F 89 -23.64 0.81 2.01
C THR F 89 -24.54 0.41 3.17
N GLU F 90 -24.34 -0.78 3.74
CA GLU F 90 -25.20 -1.26 4.80
C GLU F 90 -24.78 -0.73 6.17
N HIS F 91 -23.55 -0.25 6.30
CA HIS F 91 -23.18 0.45 7.52
C HIS F 91 -23.95 1.77 7.64
N ALA F 92 -24.10 2.48 6.53
CA ALA F 92 -24.86 3.72 6.49
C ALA F 92 -26.37 3.50 6.50
N LYS F 93 -26.81 2.25 6.47
CA LYS F 93 -28.23 1.90 6.53
C LYS F 93 -28.99 2.43 5.31
N ARG F 94 -28.36 2.35 4.15
CA ARG F 94 -28.95 2.80 2.90
C ARG F 94 -29.37 1.61 2.06
N LYS F 95 -30.14 1.89 1.01
CA LYS F 95 -30.61 0.88 0.08
C LYS F 95 -30.14 1.17 -1.34
N THR F 96 -29.09 1.97 -1.48
CA THR F 96 -28.61 2.41 -2.78
C THR F 96 -27.11 2.59 -2.68
N VAL F 97 -26.37 1.94 -3.57
CA VAL F 97 -24.93 2.16 -3.62
C VAL F 97 -24.66 3.51 -4.26
N THR F 98 -23.89 4.34 -3.57
CA THR F 98 -23.58 5.67 -4.05
C THR F 98 -22.18 5.72 -4.65
N SER F 99 -21.86 6.87 -5.25
CA SER F 99 -20.58 7.02 -5.92
C SER F 99 -19.42 7.05 -4.94
N LEU F 100 -19.66 7.49 -3.70
CA LEU F 100 -18.60 7.54 -2.71
C LEU F 100 -18.25 6.17 -2.16
N ASP F 101 -19.19 5.22 -2.19
CA ASP F 101 -18.90 3.87 -1.72
C ASP F 101 -17.89 3.18 -2.62
N VAL F 102 -17.96 3.41 -3.93
CA VAL F 102 -17.03 2.79 -4.85
C VAL F 102 -15.65 3.40 -4.72
N VAL F 103 -15.56 4.70 -4.45
CA VAL F 103 -14.27 5.36 -4.32
C VAL F 103 -13.55 4.88 -3.06
N TYR F 104 -14.28 4.66 -1.97
CA TYR F 104 -13.65 4.16 -0.76
C TYR F 104 -13.25 2.71 -0.90
N ALA F 105 -13.99 1.92 -1.67
CA ALA F 105 -13.64 0.53 -1.86
C ALA F 105 -12.39 0.37 -2.71
N LEU F 106 -12.14 1.29 -3.63
CA LEU F 106 -10.97 1.18 -4.49
C LEU F 106 -9.72 1.68 -3.79
N LYS F 107 -9.85 2.72 -2.96
CA LYS F 107 -8.72 3.19 -2.17
C LYS F 107 -8.32 2.15 -1.15
N ARG F 108 -9.28 1.37 -0.65
CA ARG F 108 -9.02 0.32 0.31
C ARG F 108 -8.00 -0.69 -0.20
N GLN F 109 -7.91 -0.85 -1.52
CA GLN F 109 -7.00 -1.81 -2.15
C GLN F 109 -5.92 -1.15 -2.97
N GLY F 110 -5.53 0.07 -2.61
CA GLY F 110 -4.39 0.70 -3.23
C GLY F 110 -4.60 1.18 -4.65
N ARG F 111 -5.83 1.44 -5.06
CA ARG F 111 -6.13 1.96 -6.39
C ARG F 111 -6.95 3.24 -6.24
N THR F 112 -6.26 4.35 -6.05
CA THR F 112 -6.94 5.64 -5.95
C THR F 112 -7.45 6.08 -7.31
N LEU F 113 -8.60 6.75 -7.32
CA LEU F 113 -9.25 7.20 -8.55
C LEU F 113 -9.68 8.65 -8.37
N TYR F 114 -9.18 9.53 -9.22
CA TYR F 114 -9.53 10.96 -9.19
C TYR F 114 -10.62 11.25 -10.21
N GLY F 115 -11.58 12.09 -9.81
CA GLY F 115 -12.53 12.59 -10.78
C GLY F 115 -13.99 12.25 -10.56
N PHE F 116 -14.33 11.65 -9.42
CA PHE F 116 -15.72 11.30 -9.11
C PHE F 116 -16.11 11.71 -7.70
N GLY F 117 -15.33 12.59 -7.07
CA GLY F 117 -15.47 12.84 -5.66
C GLY F 117 -14.35 12.20 -4.87
N GLY F 118 -14.12 12.72 -3.67
CA GLY F 118 -12.97 12.30 -2.91
C GLY F 118 -13.29 11.84 -1.51
N GLN G 31 -15.46 -7.50 39.77
CA GLN G 31 -14.03 -7.72 39.57
C GLN G 31 -13.56 -7.15 38.24
N SER G 32 -12.62 -7.86 37.61
CA SER G 32 -12.03 -7.37 36.38
C SER G 32 -13.03 -7.46 35.24
N ARG G 33 -13.01 -6.44 34.37
CA ARG G 33 -13.89 -6.44 33.20
C ARG G 33 -13.55 -7.52 32.20
N SER G 34 -12.49 -8.30 32.42
CA SER G 34 -12.16 -9.42 31.56
C SER G 34 -12.83 -10.71 32.00
N ALA G 35 -12.93 -10.95 33.31
CA ALA G 35 -13.63 -12.13 33.79
C ALA G 35 -15.14 -11.98 33.68
N LYS G 36 -15.64 -10.74 33.60
CA LYS G 36 -17.07 -10.55 33.32
C LYS G 36 -17.40 -11.00 31.92
N ALA G 37 -16.57 -10.66 30.95
CA ALA G 37 -16.77 -11.05 29.56
C ALA G 37 -16.29 -12.45 29.25
N GLY G 38 -15.62 -13.10 30.19
CA GLY G 38 -15.08 -14.42 29.92
C GLY G 38 -13.82 -14.42 29.11
N LEU G 39 -12.99 -13.39 29.23
CA LEU G 39 -11.79 -13.24 28.42
C LEU G 39 -10.53 -13.37 29.27
N THR G 40 -9.39 -13.37 28.58
CA THR G 40 -8.08 -13.46 29.18
C THR G 40 -7.21 -12.25 28.90
N PHE G 41 -7.23 -11.74 27.67
CA PHE G 41 -6.54 -10.49 27.37
C PHE G 41 -7.17 -9.34 28.18
N PRO G 42 -6.42 -8.26 28.41
CA PRO G 42 -6.89 -7.22 29.35
C PRO G 42 -7.81 -6.21 28.69
N VAL G 43 -9.05 -6.13 29.18
CA VAL G 43 -10.03 -5.25 28.56
C VAL G 43 -9.77 -3.80 28.94
N GLY G 44 -9.39 -3.54 30.19
CA GLY G 44 -9.22 -2.18 30.65
C GLY G 44 -8.01 -1.47 30.06
N ARG G 45 -7.04 -2.23 29.57
CA ARG G 45 -5.87 -1.61 28.93
C ARG G 45 -6.15 -1.27 27.48
N VAL G 46 -6.87 -2.13 26.78
CA VAL G 46 -7.29 -1.83 25.41
C VAL G 46 -8.25 -0.64 25.40
N HIS G 47 -9.00 -0.45 26.47
CA HIS G 47 -9.89 0.70 26.57
C HIS G 47 -9.10 2.01 26.65
N ARG G 48 -8.01 2.02 27.41
CA ARG G 48 -7.20 3.22 27.52
C ARG G 48 -6.44 3.50 26.23
N LEU G 49 -5.93 2.47 25.57
CA LEU G 49 -5.20 2.67 24.32
C LEU G 49 -6.09 3.22 23.22
N LEU G 50 -7.41 3.05 23.31
CA LEU G 50 -8.30 3.65 22.32
C LEU G 50 -8.57 5.12 22.64
N ARG G 51 -8.71 5.45 23.92
CA ARG G 51 -9.01 6.83 24.30
C ARG G 51 -7.83 7.77 24.16
N LYS G 52 -6.63 7.25 23.94
CA LYS G 52 -5.44 8.09 23.90
C LYS G 52 -4.68 7.94 22.58
N GLY G 53 -5.32 7.42 21.55
CA GLY G 53 -4.67 7.19 20.28
C GLY G 53 -5.16 8.04 19.12
N ASN G 54 -6.01 9.04 19.37
CA ASN G 54 -6.47 9.96 18.34
C ASN G 54 -7.24 9.22 17.24
N TYR G 55 -8.34 8.59 17.64
CA TYR G 55 -9.21 7.88 16.74
C TYR G 55 -10.59 8.49 16.63
N ALA G 56 -11.15 8.96 17.74
CA ALA G 56 -12.44 9.63 17.75
C ALA G 56 -12.55 10.42 19.04
N GLN G 57 -13.57 11.28 19.11
CA GLN G 57 -13.78 12.05 20.31
C GLN G 57 -14.41 11.26 21.44
N ARG G 58 -15.14 10.18 21.14
CA ARG G 58 -15.80 9.39 22.17
C ARG G 58 -15.67 7.92 21.84
N ILE G 59 -15.66 7.10 22.89
CA ILE G 59 -15.53 5.65 22.76
C ILE G 59 -16.72 5.00 23.46
N GLY G 60 -17.37 4.06 22.78
CA GLY G 60 -18.50 3.37 23.36
C GLY G 60 -18.09 2.32 24.36
N SER G 61 -19.04 1.97 25.24
CA SER G 61 -18.73 1.07 26.34
C SER G 61 -18.42 -0.33 25.87
N GLY G 62 -19.07 -0.78 24.79
CA GLY G 62 -18.88 -2.13 24.32
C GLY G 62 -17.82 -2.31 23.28
N ALA G 63 -17.16 -1.24 22.86
CA ALA G 63 -16.13 -1.32 21.85
C ALA G 63 -14.86 -2.02 22.35
N PRO G 64 -14.38 -1.76 23.57
CA PRO G 64 -13.18 -2.48 24.02
C PRO G 64 -13.43 -3.94 24.31
N VAL G 65 -14.66 -4.33 24.62
CA VAL G 65 -14.95 -5.74 24.86
C VAL G 65 -14.94 -6.51 23.56
N TYR G 66 -15.48 -5.92 22.49
CA TYR G 66 -15.50 -6.57 21.18
C TYR G 66 -14.09 -6.68 20.61
N LEU G 67 -13.25 -5.67 20.80
CA LEU G 67 -11.94 -5.67 20.18
C LEU G 67 -10.94 -6.53 20.95
N THR G 68 -11.11 -6.67 22.27
CA THR G 68 -10.26 -7.58 23.03
C THR G 68 -10.53 -9.03 22.66
N ALA G 69 -11.78 -9.37 22.35
CA ALA G 69 -12.12 -10.76 22.06
C ALA G 69 -11.62 -11.19 20.69
N VAL G 70 -11.51 -10.25 19.74
CA VAL G 70 -11.01 -10.60 18.42
C VAL G 70 -9.50 -10.79 18.46
N LEU G 71 -8.80 -10.01 19.28
CA LEU G 71 -7.35 -10.12 19.36
C LEU G 71 -6.93 -11.42 20.03
N GLU G 72 -7.71 -11.93 20.97
CA GLU G 72 -7.39 -13.20 21.60
C GLU G 72 -7.73 -14.38 20.71
N TYR G 73 -8.77 -14.28 19.89
CA TYR G 73 -9.08 -15.35 18.95
C TYR G 73 -7.98 -15.49 17.90
N LEU G 74 -7.46 -14.37 17.41
CA LEU G 74 -6.43 -14.43 16.39
C LEU G 74 -5.10 -14.92 16.96
N ALA G 75 -4.80 -14.59 18.22
CA ALA G 75 -3.54 -15.01 18.82
C ALA G 75 -3.54 -16.50 19.10
N ALA G 76 -4.67 -17.06 19.52
CA ALA G 76 -4.76 -18.48 19.80
C ALA G 76 -4.85 -19.34 18.55
N GLU G 77 -5.09 -18.74 17.39
CA GLU G 77 -5.08 -19.50 16.15
C GLU G 77 -3.66 -19.72 15.64
N ILE G 78 -2.83 -18.68 15.69
CA ILE G 78 -1.42 -18.85 15.35
C ILE G 78 -0.75 -19.81 16.31
N LEU G 79 -1.03 -19.68 17.60
CA LEU G 79 -0.38 -20.53 18.59
C LEU G 79 -0.68 -22.00 18.38
N GLU G 80 -1.85 -22.32 17.86
CA GLU G 80 -2.19 -23.72 17.63
C GLU G 80 -1.48 -24.27 16.40
N LEU G 81 -1.47 -23.51 15.31
CA LEU G 81 -0.80 -23.98 14.10
C LEU G 81 0.70 -24.08 14.30
N ALA G 82 1.29 -23.14 15.04
CA ALA G 82 2.74 -23.15 15.24
C ALA G 82 3.15 -24.26 16.20
N GLY G 83 2.34 -24.54 17.21
CA GLY G 83 2.66 -25.65 18.10
C GLY G 83 2.47 -27.00 17.44
N ASN G 84 1.61 -27.07 16.42
CA ASN G 84 1.46 -28.32 15.68
C ASN G 84 2.68 -28.61 14.83
N ALA G 85 3.26 -27.59 14.22
CA ALA G 85 4.49 -27.75 13.47
C ALA G 85 5.66 -28.14 14.36
N ALA G 86 5.70 -27.63 15.59
CA ALA G 86 6.82 -27.92 16.48
C ALA G 86 6.78 -29.35 17.00
N ARG G 87 5.60 -29.95 17.09
CA ARG G 87 5.47 -31.31 17.58
C ARG G 87 5.61 -32.34 16.46
N ASP G 88 5.82 -31.92 15.22
CA ASP G 88 6.19 -32.83 14.15
C ASP G 88 7.67 -33.22 14.25
N ASN G 89 8.54 -32.23 14.48
CA ASN G 89 9.96 -32.45 14.68
C ASN G 89 10.27 -32.97 16.07
N LYS G 90 9.26 -33.38 16.84
CA LYS G 90 9.45 -33.88 18.20
C LYS G 90 10.07 -32.82 19.10
N LYS G 91 9.90 -31.55 18.76
CA LYS G 91 10.42 -30.46 19.57
C LYS G 91 9.44 -30.12 20.68
N THR G 92 9.91 -29.32 21.64
CA THR G 92 9.10 -28.95 22.80
C THR G 92 9.03 -27.44 22.99
N ARG G 93 9.53 -26.66 22.06
CA ARG G 93 9.59 -25.21 22.19
C ARG G 93 9.40 -24.60 20.82
N ILE G 94 8.70 -23.47 20.75
CA ILE G 94 8.41 -22.82 19.48
C ILE G 94 9.51 -21.81 19.17
N ILE G 95 10.12 -21.95 18.00
CA ILE G 95 11.17 -21.04 17.53
C ILE G 95 10.63 -20.29 16.32
N PRO G 96 11.29 -19.22 15.85
CA PRO G 96 10.73 -18.44 14.73
C PRO G 96 10.48 -19.24 13.47
N ARG G 97 11.26 -20.29 13.21
CA ARG G 97 11.07 -21.09 12.01
C ARG G 97 9.70 -21.77 12.00
N HIS G 98 9.18 -22.11 13.18
CA HIS G 98 7.88 -22.77 13.24
C HIS G 98 6.73 -21.81 12.97
N LEU G 99 6.89 -20.53 13.28
CA LEU G 99 5.85 -19.56 12.97
C LEU G 99 5.76 -19.32 11.46
N GLN G 100 6.90 -19.18 10.80
CA GLN G 100 6.91 -19.02 9.35
C GLN G 100 6.22 -20.17 8.64
N LEU G 101 6.47 -21.40 9.10
CA LEU G 101 5.88 -22.56 8.44
C LEU G 101 4.38 -22.64 8.61
N ALA G 102 3.85 -22.05 9.68
CA ALA G 102 2.42 -22.12 9.93
C ALA G 102 1.67 -21.00 9.21
N ILE G 103 2.32 -19.88 8.93
CA ILE G 103 1.62 -18.77 8.27
C ILE G 103 1.52 -19.02 6.77
N ARG G 104 2.57 -19.55 6.16
CA ARG G 104 2.58 -19.77 4.72
C ARG G 104 1.82 -21.02 4.30
N ASN G 105 1.45 -21.88 5.24
CA ASN G 105 0.69 -23.08 4.91
C ASN G 105 -0.81 -22.90 5.07
N ASP G 106 -1.26 -21.83 5.71
CA ASP G 106 -2.68 -21.52 5.86
C ASP G 106 -3.07 -20.48 4.81
N ASP G 107 -4.12 -20.77 4.05
CA ASP G 107 -4.50 -19.89 2.96
C ASP G 107 -4.91 -18.51 3.46
N GLU G 108 -5.86 -18.46 4.40
CA GLU G 108 -6.36 -17.17 4.87
C GLU G 108 -5.30 -16.41 5.66
N LEU G 109 -4.54 -17.12 6.50
CA LEU G 109 -3.51 -16.46 7.29
C LEU G 109 -2.35 -15.99 6.43
N ASN G 110 -2.25 -16.47 5.19
CA ASN G 110 -1.15 -16.09 4.33
C ASN G 110 -1.41 -14.78 3.62
N LYS G 111 -2.65 -14.46 3.28
CA LYS G 111 -2.92 -13.20 2.64
C LYS G 111 -3.26 -12.09 3.62
N LEU G 112 -3.45 -12.42 4.91
CA LEU G 112 -3.49 -11.39 5.93
C LEU G 112 -2.09 -10.84 6.21
N LEU G 113 -1.08 -11.70 6.18
CA LEU G 113 0.30 -11.34 6.46
C LEU G 113 1.17 -11.44 5.22
N GLY G 114 0.65 -10.98 4.09
CA GLY G 114 1.35 -11.14 2.82
C GLY G 114 2.46 -10.15 2.57
N ASN G 115 2.54 -9.08 3.34
CA ASN G 115 3.59 -8.08 3.20
C ASN G 115 4.49 -8.04 4.43
N VAL G 116 4.72 -9.18 5.07
CA VAL G 116 5.38 -9.24 6.36
C VAL G 116 6.59 -10.17 6.27
N THR G 117 7.68 -9.76 6.91
CA THR G 117 8.91 -10.53 6.99
C THR G 117 9.11 -11.02 8.42
N ILE G 118 9.40 -12.30 8.58
CA ILE G 118 9.68 -12.89 9.88
C ILE G 118 11.19 -13.08 10.01
N ALA G 119 11.76 -12.56 11.09
CA ALA G 119 13.20 -12.66 11.28
C ALA G 119 13.61 -14.09 11.63
N GLN G 120 14.62 -14.60 10.94
CA GLN G 120 15.12 -15.97 11.13
C GLN G 120 14.07 -17.02 10.80
N GLY G 121 13.22 -16.75 9.82
CA GLY G 121 12.20 -17.68 9.42
C GLY G 121 12.60 -18.60 8.29
N GLY G 122 13.11 -18.02 7.20
CA GLY G 122 13.50 -18.82 6.05
C GLY G 122 12.47 -18.80 4.94
N VAL G 123 12.43 -19.86 4.14
CA VAL G 123 11.48 -20.00 3.05
C VAL G 123 10.92 -21.42 3.09
N LEU G 124 9.87 -21.63 2.31
CA LEU G 124 9.32 -22.97 2.13
C LEU G 124 10.16 -23.76 1.15
N PRO G 125 10.50 -25.01 1.45
CA PRO G 125 11.20 -25.84 0.47
C PRO G 125 10.35 -26.02 -0.79
N ASN G 126 10.95 -25.69 -1.93
CA ASN G 126 10.22 -25.71 -3.20
C ASN G 126 11.21 -25.81 -4.34
N ILE G 127 11.12 -26.89 -5.11
CA ILE G 127 11.93 -27.07 -6.31
C ILE G 127 11.00 -27.19 -7.50
N HIS G 128 11.29 -26.45 -8.56
CA HIS G 128 10.43 -26.39 -9.74
C HIS G 128 10.82 -27.48 -10.73
N GLN G 129 9.80 -28.12 -11.30
CA GLN G 129 10.03 -29.17 -12.28
C GLN G 129 10.28 -28.58 -13.68
N ARG H 53 9.31 1.24 33.02
CA ARG H 53 8.53 0.06 32.72
C ARG H 53 8.10 0.03 31.25
N LYS H 54 8.12 -1.16 30.67
CA LYS H 54 7.71 -1.39 29.28
C LYS H 54 6.57 -2.39 29.28
N GLU H 55 5.49 -2.08 28.56
CA GLU H 55 4.32 -2.94 28.51
C GLU H 55 4.34 -3.80 27.25
N THR H 56 4.03 -5.08 27.42
CA THR H 56 3.90 -6.03 26.33
C THR H 56 2.66 -6.87 26.58
N TYR H 57 2.41 -7.82 25.68
CA TYR H 57 1.35 -8.79 25.86
C TYR H 57 1.87 -10.13 26.32
N SER H 58 3.16 -10.20 26.69
CA SER H 58 3.80 -11.46 27.03
C SER H 58 3.09 -12.19 28.16
N SER H 59 2.45 -11.46 29.07
CA SER H 59 1.83 -12.09 30.22
C SER H 59 0.66 -12.97 29.81
N TYR H 60 -0.11 -12.54 28.81
CA TYR H 60 -1.35 -13.21 28.45
C TYR H 60 -1.17 -14.25 27.37
N ILE H 61 -0.31 -13.98 26.39
CA ILE H 61 0.02 -14.97 25.38
C ILE H 61 0.48 -16.27 26.03
N TYR H 62 1.28 -16.15 27.08
CA TYR H 62 1.77 -17.34 27.77
C TYR H 62 0.69 -18.04 28.57
N LYS H 63 -0.40 -17.36 28.91
CA LYS H 63 -1.51 -18.02 29.60
C LYS H 63 -2.43 -18.73 28.62
N VAL H 64 -2.54 -18.25 27.39
CA VAL H 64 -3.41 -18.87 26.40
C VAL H 64 -2.80 -20.18 25.92
N LEU H 65 -1.48 -20.24 25.79
CA LEU H 65 -0.84 -21.47 25.32
C LEU H 65 -1.01 -22.60 26.33
N LYS H 66 -0.92 -22.29 27.62
CA LYS H 66 -1.00 -23.32 28.64
C LYS H 66 -2.42 -23.75 28.95
N GLN H 67 -3.42 -23.11 28.34
CA GLN H 67 -4.80 -23.55 28.53
C GLN H 67 -5.12 -24.75 27.64
N THR H 68 -4.55 -24.78 26.44
CA THR H 68 -4.79 -25.88 25.52
C THR H 68 -3.72 -26.96 25.63
N HIS H 69 -2.46 -26.58 25.39
CA HIS H 69 -1.34 -27.52 25.41
C HIS H 69 -0.36 -27.09 26.48
N PRO H 70 -0.42 -27.67 27.68
CA PRO H 70 0.31 -27.12 28.83
C PRO H 70 1.75 -27.59 28.97
N ASP H 71 2.32 -28.26 27.98
CA ASP H 71 3.71 -28.74 28.07
C ASP H 71 4.55 -28.26 26.89
N THR H 72 4.09 -27.26 26.17
CA THR H 72 4.87 -26.61 25.13
C THR H 72 5.44 -25.30 25.66
N GLY H 73 6.62 -24.93 25.16
CA GLY H 73 7.27 -23.70 25.55
C GLY H 73 7.34 -22.72 24.39
N ILE H 74 8.12 -21.66 24.61
CA ILE H 74 8.27 -20.62 23.61
C ILE H 74 9.56 -19.87 23.90
N SER H 75 10.21 -19.39 22.84
CA SER H 75 11.49 -18.72 22.96
C SER H 75 11.32 -17.21 23.01
N GLN H 76 12.41 -16.51 23.31
CA GLN H 76 12.32 -15.07 23.51
C GLN H 76 12.11 -14.31 22.21
N LYS H 77 12.65 -14.80 21.09
CA LYS H 77 12.44 -14.07 19.85
C LYS H 77 11.10 -14.42 19.22
N SER H 78 10.58 -15.63 19.47
CA SER H 78 9.22 -15.94 19.05
C SER H 78 8.21 -15.06 19.76
N MET H 79 8.40 -14.85 21.06
CA MET H 79 7.49 -14.01 21.82
C MET H 79 7.56 -12.56 21.38
N SER H 80 8.73 -12.11 20.92
CA SER H 80 8.86 -10.77 20.37
C SER H 80 8.12 -10.64 19.05
N ILE H 81 8.03 -11.72 18.28
CA ILE H 81 7.32 -11.69 17.01
C ILE H 81 5.81 -11.67 17.22
N LEU H 82 5.33 -12.31 18.28
CA LEU H 82 3.91 -12.31 18.58
C LEU H 82 3.44 -11.00 19.19
N ASN H 83 4.34 -10.23 19.78
CA ASN H 83 4.01 -8.88 20.21
C ASN H 83 3.82 -7.96 19.01
N SER H 84 4.65 -8.12 17.99
CA SER H 84 4.51 -7.32 16.78
C SER H 84 3.21 -7.64 16.06
N PHE H 85 2.71 -8.86 16.21
CA PHE H 85 1.49 -9.27 15.53
C PHE H 85 0.25 -8.70 16.19
N VAL H 86 0.20 -8.68 17.53
CA VAL H 86 -1.02 -8.29 18.22
C VAL H 86 -1.30 -6.81 18.06
N ASN H 87 -0.27 -5.96 18.13
CA ASN H 87 -0.52 -4.53 18.01
C ASN H 87 -0.32 -4.02 16.58
N ASP H 88 -0.09 -4.91 15.63
CA ASP H 88 -0.22 -4.58 14.22
C ASP H 88 -1.66 -4.72 13.75
N ILE H 89 -2.36 -5.74 14.23
CA ILE H 89 -3.76 -5.92 13.92
C ILE H 89 -4.62 -4.93 14.69
N PHE H 90 -4.20 -4.57 15.91
CA PHE H 90 -4.88 -3.51 16.64
C PHE H 90 -4.86 -2.20 15.87
N GLU H 91 -3.70 -1.85 15.31
CA GLU H 91 -3.56 -0.61 14.57
C GLU H 91 -4.45 -0.59 13.33
N ARG H 92 -4.59 -1.73 12.66
CA ARG H 92 -5.37 -1.78 11.42
C ARG H 92 -6.86 -1.63 11.70
N ILE H 93 -7.36 -2.25 12.76
CA ILE H 93 -8.79 -2.19 13.04
C ILE H 93 -9.17 -0.81 13.57
N ALA H 94 -8.36 -0.26 14.47
CA ALA H 94 -8.69 1.04 15.05
C ALA H 94 -8.56 2.17 14.05
N THR H 95 -7.73 1.99 13.02
CA THR H 95 -7.60 3.01 11.99
C THR H 95 -8.75 2.96 10.98
N GLU H 96 -9.33 1.78 10.75
CA GLU H 96 -10.46 1.68 9.85
C GLU H 96 -11.78 2.05 10.53
N SER H 97 -11.93 1.76 11.81
CA SER H 97 -13.10 2.23 12.53
C SER H 97 -13.13 3.74 12.65
N SER H 98 -11.97 4.38 12.57
CA SER H 98 -11.89 5.83 12.67
C SER H 98 -12.37 6.51 11.40
N LYS H 99 -12.12 5.89 10.24
CA LYS H 99 -12.62 6.43 8.99
C LYS H 99 -14.11 6.17 8.82
N LEU H 100 -14.62 5.07 9.37
CA LEU H 100 -16.03 4.77 9.25
C LEU H 100 -16.88 5.79 9.99
N ALA H 101 -16.39 6.28 11.12
CA ALA H 101 -17.16 7.24 11.89
C ALA H 101 -17.16 8.61 11.23
N ALA H 102 -16.12 8.92 10.46
CA ALA H 102 -16.03 10.22 9.80
C ALA H 102 -16.80 10.24 8.50
N TYR H 103 -16.79 9.14 7.74
CA TYR H 103 -17.55 9.08 6.50
C TYR H 103 -19.04 9.26 6.75
N ASN H 104 -19.52 8.77 7.90
CA ASN H 104 -20.92 8.87 8.26
C ASN H 104 -21.21 10.02 9.20
N LYS H 105 -20.19 10.81 9.55
CA LYS H 105 -20.34 12.04 10.33
C LYS H 105 -20.83 11.75 11.75
N LYS H 106 -20.22 10.75 12.38
CA LYS H 106 -20.43 10.43 13.79
C LYS H 106 -19.20 10.83 14.59
N SER H 107 -19.39 10.94 15.89
CA SER H 107 -18.30 11.30 16.81
C SER H 107 -17.85 10.14 17.67
N THR H 108 -18.41 8.95 17.48
CA THR H 108 -18.23 7.82 18.39
C THR H 108 -17.81 6.59 17.62
N ILE H 109 -16.93 5.80 18.23
CA ILE H 109 -16.62 4.45 17.77
C ILE H 109 -17.29 3.49 18.73
N SER H 110 -18.23 2.70 18.22
CA SER H 110 -19.01 1.76 19.01
C SER H 110 -18.74 0.34 18.54
N ALA H 111 -19.42 -0.62 19.15
CA ALA H 111 -19.24 -2.01 18.78
C ALA H 111 -19.70 -2.27 17.36
N ARG H 112 -20.62 -1.43 16.88
CA ARG H 112 -21.10 -1.56 15.51
C ARG H 112 -20.02 -1.18 14.51
N GLU H 113 -19.17 -0.22 14.87
CA GLU H 113 -18.04 0.15 14.01
C GLU H 113 -16.96 -0.92 14.03
N ILE H 114 -16.62 -1.43 15.22
CA ILE H 114 -15.61 -2.48 15.34
C ILE H 114 -16.00 -3.69 14.50
N GLN H 115 -17.29 -4.01 14.45
CA GLN H 115 -17.74 -5.17 13.68
C GLN H 115 -17.57 -4.96 12.19
N THR H 116 -17.92 -3.78 11.68
CA THR H 116 -17.83 -3.53 10.24
C THR H 116 -16.38 -3.51 9.78
N ALA H 117 -15.46 -3.08 10.63
CA ALA H 117 -14.06 -3.02 10.23
C ALA H 117 -13.41 -4.40 10.18
N VAL H 118 -13.82 -5.31 11.07
CA VAL H 118 -13.30 -6.67 11.04
C VAL H 118 -13.70 -7.39 9.77
N ARG H 119 -14.86 -7.05 9.21
CA ARG H 119 -15.29 -7.67 7.96
C ARG H 119 -14.51 -7.15 6.77
N LEU H 120 -14.03 -5.91 6.82
CA LEU H 120 -13.23 -5.37 5.74
C LEU H 120 -11.79 -5.87 5.77
N ILE H 121 -11.23 -6.09 6.96
CA ILE H 121 -9.81 -6.36 7.09
C ILE H 121 -9.48 -7.85 7.08
N LEU H 122 -10.33 -8.67 7.60
CA LEU H 122 -10.01 -10.09 7.67
C LEU H 122 -10.56 -10.84 6.47
N PRO H 123 -9.87 -11.88 6.02
CA PRO H 123 -10.37 -12.69 4.90
C PRO H 123 -11.50 -13.62 5.34
N GLY H 124 -12.18 -14.16 4.33
CA GLY H 124 -13.53 -14.69 4.46
C GLY H 124 -13.92 -15.52 5.67
N GLU H 125 -13.39 -16.72 5.82
CA GLU H 125 -13.83 -17.58 6.92
C GLU H 125 -13.09 -17.29 8.21
N LEU H 126 -12.01 -16.52 8.15
CA LEU H 126 -11.41 -15.98 9.37
C LEU H 126 -12.31 -14.92 9.99
N ALA H 127 -12.98 -14.13 9.15
CA ALA H 127 -13.81 -13.04 9.63
C ALA H 127 -15.13 -13.52 10.21
N LYS H 128 -15.62 -14.67 9.78
CA LYS H 128 -16.88 -15.16 10.29
C LYS H 128 -16.74 -15.76 11.68
N HIS H 129 -15.59 -16.36 11.98
CA HIS H 129 -15.34 -16.90 13.31
C HIS H 129 -15.00 -15.82 14.32
N ALA H 130 -14.57 -14.65 13.88
CA ALA H 130 -14.27 -13.55 14.77
C ALA H 130 -15.49 -12.70 15.08
N VAL H 131 -16.45 -12.63 14.16
CA VAL H 131 -17.66 -11.89 14.43
C VAL H 131 -18.52 -12.62 15.45
N SER H 132 -18.43 -13.95 15.50
CA SER H 132 -19.19 -14.68 16.50
C SER H 132 -18.49 -14.70 17.85
N GLU H 133 -17.16 -14.59 17.87
CA GLU H 133 -16.43 -14.59 19.13
C GLU H 133 -16.64 -13.29 19.88
N GLY H 134 -16.69 -12.17 19.16
CA GLY H 134 -16.87 -10.88 19.79
C GLY H 134 -18.31 -10.57 20.15
N THR H 135 -19.26 -11.10 19.39
CA THR H 135 -20.66 -10.94 19.73
C THR H 135 -21.01 -11.72 20.99
N ARG H 136 -20.44 -12.90 21.15
CA ARG H 136 -20.69 -13.71 22.34
C ARG H 136 -20.17 -13.04 23.60
N ALA H 137 -19.09 -12.26 23.47
CA ALA H 137 -18.48 -11.61 24.62
C ALA H 137 -19.26 -10.39 25.08
N VAL H 138 -19.95 -9.71 24.17
CA VAL H 138 -20.74 -8.56 24.57
C VAL H 138 -22.06 -8.98 25.17
N THR H 139 -22.60 -10.12 24.75
CA THR H 139 -23.81 -10.65 25.37
C THR H 139 -23.57 -11.08 26.80
N LYS H 140 -22.38 -11.61 27.09
CA LYS H 140 -22.07 -12.09 28.42
C LYS H 140 -21.67 -10.96 29.35
N TYR H 141 -20.97 -9.96 28.82
CA TYR H 141 -20.60 -8.79 29.62
C TYR H 141 -21.84 -8.02 30.05
N SER H 142 -22.86 -7.95 29.20
CA SER H 142 -24.05 -7.15 29.42
C SER H 142 -25.10 -7.85 30.26
N SER H 143 -24.89 -9.11 30.63
CA SER H 143 -25.74 -9.78 31.61
C SER H 143 -25.23 -9.58 33.03
N SER H 144 -24.25 -8.72 33.21
CA SER H 144 -23.68 -8.45 34.52
C SER H 144 -24.05 -7.04 34.98
#